data_3ZU0
#
_entry.id   3ZU0
#
_cell.length_a   101.626
_cell.length_b   104.051
_cell.length_c   119.601
_cell.angle_alpha   90.00
_cell.angle_beta   90.00
_cell.angle_gamma   90.00
#
_symmetry.space_group_name_H-M   'P 21 21 21'
#
loop_
_entity.id
_entity.type
_entity.pdbx_description
1 polymer 'NAD NUCLEOTIDASE'
2 non-polymer 'ZINC ION'
3 non-polymer 'PHOSPHATE ION'
4 non-polymer 'PHOSPHOMETHYLPHOSPHONIC ACID ADENOSYL ESTER'
5 water water
#
_entity_poly.entity_id   1
_entity_poly.type   'polypeptide(L)'
_entity_poly.pdbx_seq_one_letter_code
;AKEAPQAHKAVELSILHINDHHSYLEPHETRINLNGQQTKVDIGGFSAVNAKLNKLRKKYKNPLVLHAGDAITGTLYFTL
FGGSADAAVMNAGNFHYFTLGNHEFDAGNEGLLKLLEPLKIPVLSANVIPDKSSILYNKWKPYDIFTVDGEKIAIIGLDT
VNKTVNSSSPGKDVKFYDEIATAQIMANALKQQGINKIILLSHAGSEKNIEIAQKVNDIDVIVTGDSHYLYGNDELRSLK
LPVIYEYPLEFKNPNGEPVFVMEGWAYSAVVGDLGVKFSPEGIASITRKIPHVLMSSHKLQVKNSEGKWAELTGDERKKA
LDTLKSMKSISLDDHDAKTDKLIAKYKSEKDRLAQEIVGVITGSAMPGGSANRIPNKAGSNPEGSIATRFIAETMYNELK
TVDLTIQNAGGVRADILPGNVTFNDAYTFLPFGNTLYTYKMEGSLVKQVLEDAMQFALVDGSTGAFPYGAGIRYEANETP
NAEGKRLVSVEVLNKQTQQWEPIDDNKRYLVGTNAYVAGGKDGYKTFGKLFNDPKYEGVDTYLPDAESFIKFMKKHPHFE
AYTSSNVKFNASTDALPKK
;
_entity_poly.pdbx_strand_id   A,B
#
# COMPACT_ATOMS: atom_id res chain seq x y z
N HIS A 8 -4.54 33.67 -1.05
CA HIS A 8 -3.58 33.04 -1.94
C HIS A 8 -3.01 34.04 -2.93
N LYS A 9 -1.70 33.96 -3.16
CA LYS A 9 -1.01 34.78 -4.16
C LYS A 9 -0.33 33.89 -5.19
N ALA A 10 -0.08 34.44 -6.38
CA ALA A 10 0.71 33.78 -7.40
C ALA A 10 2.20 33.83 -7.05
N VAL A 11 2.92 32.76 -7.34
CA VAL A 11 4.36 32.72 -7.11
C VAL A 11 5.09 32.05 -8.26
N GLU A 12 6.34 32.40 -8.43
CA GLU A 12 7.17 31.75 -9.43
C GLU A 12 8.33 31.06 -8.74
N LEU A 13 8.65 29.84 -9.18
CA LEU A 13 9.71 29.03 -8.59
C LEU A 13 10.71 28.67 -9.68
N SER A 14 11.97 28.56 -9.30
CA SER A 14 12.98 28.09 -10.23
C SER A 14 13.53 26.76 -9.74
N ILE A 15 13.06 25.68 -10.36
CA ILE A 15 13.45 24.34 -9.98
C ILE A 15 14.71 23.92 -10.70
N LEU A 16 15.72 23.51 -9.93
CA LEU A 16 16.98 23.02 -10.47
C LEU A 16 17.22 21.65 -9.86
N HIS A 17 17.44 20.63 -10.69
CA HIS A 17 17.44 19.27 -10.15
C HIS A 17 18.38 18.35 -10.88
N ILE A 18 18.88 17.38 -10.13
CA ILE A 18 19.56 16.26 -10.72
C ILE A 18 19.01 14.98 -10.10
N ASN A 19 19.46 13.84 -10.61
CA ASN A 19 19.01 12.54 -10.10
C ASN A 19 19.96 11.46 -10.52
N ASP A 20 20.03 10.39 -9.74
CA ASP A 20 20.74 9.19 -10.13
C ASP A 20 22.19 9.49 -10.53
N HIS A 21 22.91 10.28 -9.72
CA HIS A 21 24.30 10.53 -10.10
C HIS A 21 25.15 9.28 -9.82
N HIS A 22 24.65 8.41 -8.93
CA HIS A 22 25.27 7.12 -8.69
C HIS A 22 26.79 7.20 -8.45
N SER A 23 27.25 8.13 -7.62
CA SER A 23 28.69 8.26 -7.31
C SER A 23 29.57 8.54 -8.53
N TYR A 24 28.97 9.07 -9.60
CA TYR A 24 29.75 9.52 -10.75
C TYR A 24 30.32 10.91 -10.49
N LEU A 25 31.42 10.96 -9.75
CA LEU A 25 31.99 12.25 -9.36
C LEU A 25 32.80 12.85 -10.49
N GLU A 26 33.41 12.00 -11.30
CA GLU A 26 34.17 12.45 -12.48
C GLU A 26 33.33 12.47 -13.76
N PRO A 27 33.78 13.25 -14.76
CA PRO A 27 33.11 13.20 -16.06
C PRO A 27 33.22 11.80 -16.64
N HIS A 28 32.35 11.47 -17.58
CA HIS A 28 32.44 10.19 -18.27
C HIS A 28 32.23 10.43 -19.76
N GLU A 29 32.59 9.45 -20.56
CA GLU A 29 32.63 9.63 -22.00
C GLU A 29 31.32 9.24 -22.60
N THR A 30 30.87 9.99 -23.60
CA THR A 30 29.68 9.64 -24.34
C THR A 30 29.91 9.97 -25.81
N ARG A 31 29.03 9.52 -26.69
CA ARG A 31 29.14 9.82 -28.10
C ARG A 31 27.97 10.66 -28.58
N ILE A 32 28.27 11.66 -29.40
CA ILE A 32 27.27 12.51 -30.01
C ILE A 32 27.48 12.65 -31.51
N ASN A 33 26.45 13.12 -32.20
CA ASN A 33 26.60 13.50 -33.61
C ASN A 33 26.74 15.01 -33.75
N LEU A 34 27.95 15.46 -34.06
CA LEU A 34 28.26 16.88 -34.08
C LEU A 34 28.80 17.23 -35.47
N ASN A 35 28.13 18.18 -36.12
CA ASN A 35 28.48 18.56 -37.49
C ASN A 35 28.49 17.35 -38.44
N GLY A 36 27.62 16.39 -38.17
CA GLY A 36 27.47 15.23 -39.03
C GLY A 36 28.33 14.04 -38.69
N GLN A 37 29.20 14.16 -37.69
CA GLN A 37 30.14 13.07 -37.34
C GLN A 37 29.98 12.52 -35.93
N GLN A 38 30.01 11.20 -35.79
CA GLN A 38 30.08 10.63 -34.45
C GLN A 38 31.34 11.16 -33.77
N THR A 39 31.18 11.76 -32.59
CA THR A 39 32.24 12.43 -31.85
C THR A 39 32.22 11.98 -30.40
N LYS A 40 33.38 11.61 -29.88
CA LYS A 40 33.53 11.30 -28.46
C LYS A 40 33.79 12.57 -27.68
N VAL A 41 33.01 12.79 -26.63
CA VAL A 41 33.18 13.92 -25.72
C VAL A 41 33.09 13.46 -24.29
N ASP A 42 33.42 14.35 -23.35
CA ASP A 42 33.27 14.07 -21.92
C ASP A 42 32.11 14.89 -21.38
N ILE A 43 31.26 14.27 -20.55
CA ILE A 43 30.14 14.98 -19.95
C ILE A 43 30.08 14.73 -18.44
N GLY A 44 29.46 15.65 -17.70
CA GLY A 44 29.15 15.41 -16.29
C GLY A 44 30.27 15.70 -15.30
N GLY A 45 30.27 14.94 -14.21
CA GLY A 45 31.17 15.15 -13.09
C GLY A 45 30.51 16.09 -12.10
N PHE A 46 30.75 15.87 -10.80
CA PHE A 46 30.08 16.69 -9.79
C PHE A 46 30.59 18.11 -9.69
N SER A 47 31.80 18.36 -10.20
CA SER A 47 32.28 19.74 -10.22
C SER A 47 31.46 20.60 -11.16
N ALA A 48 31.17 20.10 -12.35
CA ALA A 48 30.33 20.81 -13.29
C ALA A 48 28.93 20.98 -12.71
N VAL A 49 28.43 19.95 -12.02
CA VAL A 49 27.09 20.04 -11.43
C VAL A 49 27.01 21.16 -10.41
N ASN A 50 27.89 21.17 -9.42
CA ASN A 50 27.83 22.21 -8.39
C ASN A 50 28.07 23.63 -8.95
N ALA A 51 28.98 23.75 -9.90
CA ALA A 51 29.24 25.06 -10.53
C ALA A 51 27.99 25.60 -11.23
N LYS A 52 27.35 24.75 -12.02
CA LYS A 52 26.15 25.17 -12.74
C LYS A 52 25.02 25.49 -11.77
N LEU A 53 24.88 24.67 -10.73
CA LEU A 53 23.84 24.94 -9.73
C LEU A 53 24.11 26.28 -9.06
N ASN A 54 25.37 26.54 -8.70
CA ASN A 54 25.70 27.82 -8.05
C ASN A 54 25.43 29.04 -8.93
N LYS A 55 25.79 28.94 -10.20
CA LYS A 55 25.55 30.03 -11.14
C LYS A 55 24.06 30.25 -11.42
N LEU A 56 23.34 29.18 -11.71
CA LEU A 56 21.92 29.29 -12.04
C LEU A 56 21.12 29.78 -10.85
N ARG A 57 21.40 29.26 -9.66
CA ARG A 57 20.60 29.67 -8.49
C ARG A 57 20.75 31.16 -8.19
N LYS A 58 21.91 31.72 -8.49
CA LYS A 58 22.17 33.13 -8.19
C LYS A 58 21.50 34.02 -9.23
N LYS A 59 21.17 33.44 -10.38
CA LYS A 59 20.65 34.18 -11.52
C LYS A 59 19.12 34.21 -11.51
N TYR A 60 18.50 33.17 -10.96
CA TYR A 60 17.07 32.97 -10.98
C TYR A 60 16.37 33.34 -9.68
N LYS A 61 15.13 33.80 -9.75
CA LYS A 61 14.39 34.05 -8.51
C LYS A 61 13.83 32.75 -7.91
N ASN A 62 13.87 32.68 -6.58
CA ASN A 62 13.27 31.58 -5.83
C ASN A 62 13.77 30.20 -6.28
N PRO A 63 15.10 30.00 -6.27
CA PRO A 63 15.61 28.69 -6.65
C PRO A 63 15.24 27.57 -5.66
N LEU A 64 14.89 26.41 -6.19
CA LEU A 64 14.62 25.22 -5.40
C LEU A 64 15.47 24.08 -5.95
N VAL A 65 16.48 23.66 -5.17
CA VAL A 65 17.54 22.76 -5.62
C VAL A 65 17.35 21.34 -5.03
N LEU A 66 17.14 20.38 -5.93
CA LEU A 66 16.64 19.05 -5.58
C LEU A 66 17.49 17.93 -6.19
N HIS A 67 17.58 16.84 -5.45
CA HIS A 67 18.26 15.64 -5.90
C HIS A 67 17.25 14.50 -5.76
N ALA A 68 16.84 13.92 -6.87
CA ALA A 68 15.73 12.98 -6.86
C ALA A 68 16.15 11.52 -6.60
N GLY A 69 17.34 11.30 -6.02
CA GLY A 69 17.69 9.99 -5.50
C GLY A 69 18.71 9.15 -6.24
N ASP A 70 19.15 8.06 -5.61
CA ASP A 70 20.29 7.26 -6.09
C ASP A 70 21.52 8.15 -6.20
N ALA A 71 21.86 8.81 -5.10
CA ALA A 71 23.11 9.54 -5.02
C ALA A 71 24.25 8.53 -5.01
N ILE A 72 24.03 7.40 -4.33
CA ILE A 72 25.13 6.48 -4.10
C ILE A 72 25.04 5.15 -4.82
N THR A 73 26.21 4.55 -4.97
CA THR A 73 26.49 3.26 -5.59
C THR A 73 26.64 3.38 -7.08
N GLY A 74 27.62 2.67 -7.61
CA GLY A 74 27.80 2.60 -9.06
C GLY A 74 29.23 2.82 -9.51
N THR A 75 30.07 3.34 -8.61
CA THR A 75 31.48 3.55 -8.89
C THR A 75 32.31 3.32 -7.65
N LEU A 76 33.62 3.35 -7.83
CA LEU A 76 34.57 3.15 -6.72
C LEU A 76 34.50 4.24 -5.68
N TYR A 77 34.01 5.41 -6.08
CA TYR A 77 33.80 6.50 -5.16
C TYR A 77 32.81 6.13 -4.08
N PHE A 78 31.90 5.20 -4.39
CA PHE A 78 31.06 4.70 -3.30
C PHE A 78 31.74 3.54 -2.59
N THR A 79 32.24 2.58 -3.36
CA THR A 79 32.70 1.34 -2.79
C THR A 79 33.85 1.55 -1.81
N LEU A 80 34.76 2.46 -2.16
CA LEU A 80 35.95 2.69 -1.34
C LEU A 80 35.68 3.60 -0.14
N PHE A 81 34.73 4.51 -0.25
CA PHE A 81 34.58 5.56 0.75
C PHE A 81 33.23 5.51 1.44
N GLY A 82 32.42 4.52 1.09
CA GLY A 82 31.19 4.23 1.79
C GLY A 82 30.17 5.35 1.82
N GLY A 83 30.23 6.26 0.86
CA GLY A 83 29.21 7.30 0.75
C GLY A 83 29.66 8.65 1.26
N SER A 84 30.82 8.67 1.92
CA SER A 84 31.32 9.93 2.47
C SER A 84 31.76 10.88 1.35
N ALA A 85 32.29 10.33 0.27
CA ALA A 85 32.63 11.15 -0.88
C ALA A 85 31.37 11.82 -1.43
N ASP A 86 30.33 11.04 -1.64
CA ASP A 86 29.07 11.58 -2.17
C ASP A 86 28.47 12.62 -1.25
N ALA A 87 28.44 12.36 0.05
CA ALA A 87 27.90 13.33 1.00
C ALA A 87 28.63 14.66 0.91
N ALA A 88 29.94 14.61 0.71
CA ALA A 88 30.77 15.80 0.70
C ALA A 88 30.47 16.67 -0.51
N VAL A 89 30.38 16.06 -1.69
CA VAL A 89 30.10 16.84 -2.88
C VAL A 89 28.67 17.37 -2.88
N MET A 90 27.73 16.59 -2.35
CA MET A 90 26.35 17.04 -2.28
C MET A 90 26.19 18.19 -1.28
N ASN A 91 26.89 18.10 -0.15
CA ASN A 91 26.92 19.20 0.80
C ASN A 91 27.43 20.47 0.11
N ALA A 92 28.46 20.33 -0.71
CA ALA A 92 29.04 21.47 -1.41
C ALA A 92 28.09 22.02 -2.47
N GLY A 93 27.04 21.27 -2.77
CA GLY A 93 26.04 21.72 -3.72
C GLY A 93 24.89 22.49 -3.10
N ASN A 94 24.77 22.41 -1.77
CA ASN A 94 23.69 23.12 -1.05
C ASN A 94 22.30 22.85 -1.63
N PHE A 95 22.00 21.58 -1.88
CA PHE A 95 20.66 21.17 -2.26
C PHE A 95 19.67 21.49 -1.13
N HIS A 96 18.45 21.85 -1.49
CA HIS A 96 17.37 22.07 -0.52
C HIS A 96 16.79 20.77 0.00
N TYR A 97 16.68 19.77 -0.88
CA TYR A 97 16.09 18.46 -0.51
C TYR A 97 16.67 17.32 -1.34
N PHE A 98 16.67 16.13 -0.73
CA PHE A 98 17.15 14.89 -1.34
C PHE A 98 16.06 13.88 -1.01
N THR A 99 15.69 13.03 -1.96
CA THR A 99 14.79 11.92 -1.66
C THR A 99 15.56 10.62 -1.81
N LEU A 100 15.15 9.60 -1.06
CA LEU A 100 15.81 8.28 -1.16
C LEU A 100 15.41 7.52 -2.43
N GLY A 101 16.39 6.89 -3.07
CA GLY A 101 16.13 6.01 -4.19
C GLY A 101 16.22 4.54 -3.80
N ASN A 102 16.23 3.63 -4.77
CA ASN A 102 16.33 2.22 -4.43
C ASN A 102 17.76 1.82 -4.03
N HIS A 103 18.76 2.35 -4.73
CA HIS A 103 20.16 2.00 -4.44
C HIS A 103 20.72 2.57 -3.15
N GLU A 104 19.98 3.48 -2.54
CA GLU A 104 20.36 3.96 -1.21
C GLU A 104 20.43 2.83 -0.18
N PHE A 105 19.69 1.75 -0.41
CA PHE A 105 19.65 0.64 0.54
C PHE A 105 20.53 -0.55 0.17
N ASP A 106 21.33 -0.39 -0.88
CA ASP A 106 22.15 -1.49 -1.41
C ASP A 106 23.12 -2.06 -0.39
N ALA A 107 23.52 -1.24 0.58
CA ALA A 107 24.46 -1.68 1.59
C ALA A 107 23.77 -1.78 2.95
N GLY A 108 22.46 -2.03 2.94
CA GLY A 108 21.70 -2.13 4.17
C GLY A 108 21.44 -0.79 4.84
N ASN A 109 20.78 -0.82 6.01
CA ASN A 109 20.53 0.38 6.81
C ASN A 109 21.84 1.02 7.26
N GLU A 110 22.83 0.19 7.56
CA GLU A 110 24.15 0.67 7.96
C GLU A 110 24.77 1.49 6.85
N GLY A 111 24.74 0.95 5.64
CA GLY A 111 25.26 1.66 4.47
C GLY A 111 24.58 3.00 4.32
N LEU A 112 23.25 3.02 4.45
CA LEU A 112 22.51 4.26 4.28
C LEU A 112 22.91 5.27 5.37
N LEU A 113 23.08 4.79 6.59
CA LEU A 113 23.42 5.67 7.70
C LEU A 113 24.75 6.40 7.43
N LYS A 114 25.69 5.71 6.80
CA LYS A 114 27.01 6.29 6.55
C LYS A 114 26.95 7.43 5.54
N LEU A 115 25.90 7.45 4.73
CA LEU A 115 25.66 8.57 3.84
C LEU A 115 24.94 9.68 4.59
N LEU A 116 23.93 9.31 5.36
CA LEU A 116 23.08 10.30 6.03
C LEU A 116 23.79 11.05 7.17
N GLU A 117 24.67 10.39 7.92
CA GLU A 117 25.34 11.06 9.02
C GLU A 117 26.00 12.36 8.58
N PRO A 118 26.91 12.29 7.58
CA PRO A 118 27.58 13.51 7.11
C PRO A 118 26.74 14.40 6.20
N LEU A 119 25.65 13.89 5.65
CA LEU A 119 24.83 14.69 4.74
C LEU A 119 24.07 15.77 5.51
N LYS A 120 24.20 17.02 5.07
CA LYS A 120 23.50 18.13 5.70
C LYS A 120 22.22 18.55 4.95
N ILE A 121 21.87 17.84 3.88
CA ILE A 121 20.69 18.17 3.06
C ILE A 121 19.46 17.53 3.69
N PRO A 122 18.36 18.28 3.84
CA PRO A 122 17.16 17.63 4.39
C PRO A 122 16.70 16.48 3.50
N VAL A 123 16.35 15.37 4.12
CA VAL A 123 15.96 14.16 3.40
C VAL A 123 14.44 13.97 3.51
N LEU A 124 13.80 13.66 2.38
CA LEU A 124 12.36 13.40 2.35
C LEU A 124 12.06 12.04 1.77
N SER A 125 11.09 11.34 2.38
CA SER A 125 10.56 10.10 1.83
C SER A 125 9.28 9.73 2.56
N ALA A 126 8.15 9.85 1.89
CA ALA A 126 6.85 9.66 2.53
C ALA A 126 6.39 8.20 2.60
N ASN A 127 6.89 7.34 1.69
CA ASN A 127 6.42 5.94 1.65
C ASN A 127 7.46 4.94 2.14
N VAL A 128 8.52 5.43 2.78
CA VAL A 128 9.52 4.57 3.40
C VAL A 128 9.63 4.99 4.86
N ILE A 129 9.18 4.14 5.76
CA ILE A 129 8.98 4.57 7.14
C ILE A 129 9.64 3.59 8.08
N PRO A 130 10.68 4.05 8.80
CA PRO A 130 11.40 3.16 9.71
C PRO A 130 10.68 2.98 11.04
N ASP A 131 10.72 1.76 11.59
CA ASP A 131 10.25 1.54 12.96
C ASP A 131 11.12 2.33 13.94
N LYS A 132 10.59 2.56 15.14
CA LYS A 132 11.26 3.33 16.19
C LYS A 132 12.60 2.75 16.61
N SER A 133 12.80 1.45 16.41
CA SER A 133 14.01 0.77 16.84
C SER A 133 15.06 0.75 15.72
N SER A 134 14.69 1.23 14.54
CA SER A 134 15.61 1.30 13.41
C SER A 134 16.69 2.32 13.69
N ILE A 135 17.91 2.02 13.24
CA ILE A 135 18.98 3.03 13.31
C ILE A 135 18.65 4.18 12.36
N LEU A 136 17.71 3.94 11.46
CA LEU A 136 17.28 4.99 10.51
C LEU A 136 16.09 5.81 11.01
N TYR A 137 15.64 5.51 12.22
CA TYR A 137 14.52 6.26 12.77
C TYR A 137 14.88 7.76 12.87
N ASN A 138 13.92 8.61 12.51
CA ASN A 138 14.09 10.07 12.54
C ASN A 138 15.26 10.61 11.74
N LYS A 139 15.54 10.00 10.60
CA LYS A 139 16.61 10.45 9.72
C LYS A 139 16.08 11.21 8.50
N TRP A 140 14.77 11.10 8.28
CA TRP A 140 14.10 11.84 7.22
C TRP A 140 12.63 12.10 7.55
N LYS A 141 12.02 13.01 6.80
CA LYS A 141 10.61 13.32 6.99
C LYS A 141 9.83 13.01 5.73
N PRO A 142 8.52 12.81 5.87
CA PRO A 142 7.70 12.50 4.69
C PRO A 142 7.55 13.72 3.76
N TYR A 143 7.61 14.93 4.29
CA TYR A 143 7.40 16.13 3.46
C TYR A 143 7.92 17.35 4.21
N ASP A 144 8.02 18.47 3.49
CA ASP A 144 8.33 19.76 4.10
C ASP A 144 7.41 20.79 3.47
N ILE A 145 7.19 21.87 4.21
CA ILE A 145 6.48 23.01 3.68
C ILE A 145 7.40 24.21 3.79
N PHE A 146 7.61 24.91 2.68
CA PHE A 146 8.43 26.11 2.70
C PHE A 146 7.61 27.23 2.08
N THR A 147 8.00 28.46 2.35
CA THR A 147 7.22 29.59 1.90
C THR A 147 8.00 30.41 0.90
N VAL A 148 7.32 30.83 -0.16
CA VAL A 148 7.91 31.71 -1.17
C VAL A 148 7.00 32.89 -1.37
N ASP A 149 7.55 34.09 -1.22
CA ASP A 149 6.78 35.31 -1.40
C ASP A 149 5.41 35.25 -0.69
N GLY A 150 5.42 34.74 0.55
CA GLY A 150 4.21 34.66 1.36
C GLY A 150 3.49 33.31 1.29
N GLU A 151 3.44 32.73 0.08
CA GLU A 151 2.70 31.51 -0.20
C GLU A 151 3.37 30.24 0.33
N LYS A 152 2.58 29.31 0.86
CA LYS A 152 3.08 27.98 1.24
C LYS A 152 3.14 27.03 0.05
N ILE A 153 4.30 26.38 -0.09
CA ILE A 153 4.49 25.33 -1.09
C ILE A 153 4.90 24.05 -0.36
N ALA A 154 4.34 22.91 -0.72
CA ALA A 154 4.72 21.66 -0.07
C ALA A 154 5.54 20.79 -1.02
N ILE A 155 6.50 20.06 -0.45
CA ILE A 155 7.25 19.10 -1.22
C ILE A 155 7.24 17.75 -0.50
N ILE A 156 6.92 16.70 -1.26
CA ILE A 156 6.74 15.34 -0.75
C ILE A 156 7.79 14.43 -1.37
N GLY A 157 8.41 13.57 -0.58
CA GLY A 157 9.35 12.60 -1.10
C GLY A 157 8.72 11.25 -1.35
N LEU A 158 9.27 10.49 -2.29
CA LEU A 158 8.69 9.18 -2.64
C LEU A 158 9.75 8.25 -3.24
N ASP A 159 9.65 6.95 -2.92
CA ASP A 159 10.64 6.00 -3.41
C ASP A 159 9.92 4.91 -4.18
N THR A 160 10.67 4.25 -5.07
CA THR A 160 10.16 3.07 -5.75
C THR A 160 10.16 1.93 -4.75
N VAL A 161 9.18 1.04 -4.85
CA VAL A 161 8.98 0.02 -3.83
C VAL A 161 9.52 -1.35 -4.20
N ASN A 162 8.94 -1.98 -5.21
CA ASN A 162 9.30 -3.37 -5.53
C ASN A 162 10.81 -3.54 -5.77
N LYS A 163 11.42 -2.64 -6.53
CA LYS A 163 12.85 -2.77 -6.84
C LYS A 163 13.70 -2.64 -5.59
N THR A 164 13.26 -1.81 -4.65
CA THR A 164 14.01 -1.62 -3.42
C THR A 164 13.86 -2.87 -2.53
N VAL A 165 12.63 -3.29 -2.32
CA VAL A 165 12.34 -4.45 -1.49
C VAL A 165 12.87 -5.76 -2.07
N ASN A 166 12.73 -5.96 -3.37
CA ASN A 166 13.15 -7.23 -3.98
C ASN A 166 14.64 -7.31 -4.32
N SER A 167 15.24 -6.18 -4.68
CA SER A 167 16.60 -6.23 -5.22
C SER A 167 17.64 -5.36 -4.51
N SER A 168 17.21 -4.55 -3.55
CA SER A 168 18.15 -3.83 -2.67
C SER A 168 18.06 -4.49 -1.30
N SER A 169 18.70 -3.92 -0.29
CA SER A 169 18.74 -4.55 1.04
C SER A 169 18.28 -3.67 2.22
N PRO A 170 17.08 -3.11 2.13
CA PRO A 170 16.57 -2.36 3.28
C PRO A 170 16.40 -3.28 4.48
N GLY A 171 16.66 -2.80 5.69
CA GLY A 171 16.42 -3.63 6.87
C GLY A 171 14.93 -3.91 7.03
N LYS A 172 14.59 -5.01 7.69
CA LYS A 172 13.19 -5.41 7.87
C LYS A 172 12.41 -4.45 8.75
N ASP A 173 13.13 -3.57 9.45
CA ASP A 173 12.49 -2.58 10.28
C ASP A 173 12.16 -1.30 9.47
N VAL A 174 12.30 -1.37 8.15
CA VAL A 174 11.90 -0.28 7.24
C VAL A 174 10.71 -0.71 6.39
N LYS A 175 9.57 -0.03 6.56
CA LYS A 175 8.33 -0.41 5.89
C LYS A 175 8.07 0.44 4.65
N PHE A 176 7.62 -0.20 3.57
CA PHE A 176 7.37 0.49 2.30
C PHE A 176 5.88 0.49 1.95
N TYR A 177 5.39 1.59 1.39
CA TYR A 177 3.97 1.72 1.03
C TYR A 177 3.78 2.09 -0.44
N ASP A 178 2.65 1.69 -0.99
CA ASP A 178 2.36 1.85 -2.40
C ASP A 178 2.57 3.30 -2.84
N GLU A 179 3.19 3.45 -4.01
CA GLU A 179 3.53 4.76 -4.54
C GLU A 179 2.31 5.64 -4.81
N ILE A 180 1.35 5.12 -5.57
CA ILE A 180 0.20 5.93 -5.95
C ILE A 180 -0.64 6.38 -4.76
N ALA A 181 -0.95 5.44 -3.86
CA ALA A 181 -1.76 5.75 -2.69
C ALA A 181 -1.08 6.80 -1.81
N THR A 182 0.21 6.62 -1.57
CA THR A 182 0.96 7.57 -0.76
C THR A 182 0.91 8.96 -1.36
N ALA A 183 1.07 9.05 -2.68
CA ALA A 183 1.07 10.36 -3.33
C ALA A 183 -0.27 11.05 -3.13
N GLN A 184 -1.37 10.33 -3.28
CA GLN A 184 -2.68 10.95 -3.14
C GLN A 184 -3.05 11.27 -1.69
N ILE A 185 -2.75 10.35 -0.78
CA ILE A 185 -3.08 10.56 0.63
C ILE A 185 -2.30 11.74 1.17
N MET A 186 -0.99 11.79 0.87
CA MET A 186 -0.17 12.93 1.27
C MET A 186 -0.72 14.24 0.72
N ALA A 187 -0.98 14.27 -0.58
CA ALA A 187 -1.42 15.51 -1.22
C ALA A 187 -2.79 15.95 -0.67
N ASN A 188 -3.70 14.99 -0.52
CA ASN A 188 -5.03 15.26 0.03
C ASN A 188 -4.95 15.88 1.43
N ALA A 189 -4.14 15.29 2.31
CA ALA A 189 -3.95 15.80 3.67
C ALA A 189 -3.40 17.23 3.73
N LEU A 190 -2.58 17.60 2.75
CA LEU A 190 -1.91 18.90 2.77
C LEU A 190 -2.85 20.05 2.44
N LYS A 191 -3.94 19.73 1.75
CA LYS A 191 -4.90 20.74 1.32
C LYS A 191 -5.43 21.61 2.46
N GLN A 192 -5.86 20.99 3.55
CA GLN A 192 -6.49 21.74 4.63
C GLN A 192 -5.52 22.60 5.43
N GLN A 193 -4.22 22.43 5.18
CA GLN A 193 -3.24 23.36 5.74
C GLN A 193 -3.17 24.63 4.90
N GLY A 194 -4.07 24.73 3.91
CA GLY A 194 -4.13 25.90 3.04
C GLY A 194 -3.09 25.86 1.93
N ILE A 195 -2.93 24.69 1.33
CA ILE A 195 -1.86 24.48 0.33
C ILE A 195 -2.43 24.02 -1.02
N ASN A 196 -2.09 24.75 -2.08
CA ASN A 196 -2.51 24.36 -3.42
C ASN A 196 -1.36 24.28 -4.41
N LYS A 197 -0.14 24.32 -3.89
CA LYS A 197 1.05 24.20 -4.71
C LYS A 197 1.91 23.07 -4.15
N ILE A 198 2.03 21.97 -4.90
CA ILE A 198 2.63 20.76 -4.35
C ILE A 198 3.61 20.13 -5.31
N ILE A 199 4.84 19.95 -4.84
CA ILE A 199 5.89 19.31 -5.62
C ILE A 199 6.14 17.91 -5.06
N LEU A 200 6.27 16.94 -5.96
CA LEU A 200 6.57 15.56 -5.57
C LEU A 200 7.97 15.22 -6.09
N LEU A 201 8.87 14.88 -5.17
CA LEU A 201 10.24 14.56 -5.53
C LEU A 201 10.33 13.06 -5.44
N SER A 202 10.22 12.40 -6.60
CA SER A 202 9.89 11.00 -6.62
C SER A 202 10.90 10.14 -7.37
N HIS A 203 11.50 9.19 -6.66
CA HIS A 203 12.32 8.16 -7.29
C HIS A 203 11.48 6.95 -7.71
N ALA A 204 10.21 7.15 -7.96
CA ALA A 204 9.38 6.00 -8.37
C ALA A 204 9.62 5.63 -9.82
N GLY A 205 10.33 6.47 -10.56
CA GLY A 205 10.60 6.15 -11.97
C GLY A 205 9.59 6.84 -12.89
N SER A 206 9.98 7.06 -14.14
CA SER A 206 9.15 7.80 -15.08
C SER A 206 7.79 7.14 -15.33
N GLU A 207 7.77 5.81 -15.43
CA GLU A 207 6.53 5.08 -15.71
C GLU A 207 5.49 5.29 -14.61
N LYS A 208 5.91 5.13 -13.36
CA LYS A 208 5.02 5.31 -12.22
C LYS A 208 4.65 6.79 -11.97
N ASN A 209 5.63 7.69 -12.15
CA ASN A 209 5.37 9.13 -11.98
C ASN A 209 4.39 9.67 -13.02
N ILE A 210 4.45 9.12 -14.23
CA ILE A 210 3.49 9.48 -15.28
C ILE A 210 2.10 8.94 -14.89
N GLU A 211 2.05 7.75 -14.30
CA GLU A 211 0.79 7.20 -13.82
C GLU A 211 0.23 8.06 -12.70
N ILE A 212 1.09 8.51 -11.78
CA ILE A 212 0.65 9.42 -10.72
C ILE A 212 0.11 10.75 -11.29
N ALA A 213 0.79 11.33 -12.26
CA ALA A 213 0.30 12.54 -12.92
C ALA A 213 -1.10 12.34 -13.52
N GLN A 214 -1.36 11.14 -14.03
CA GLN A 214 -2.62 10.88 -14.74
C GLN A 214 -3.75 10.47 -13.80
N LYS A 215 -3.39 9.93 -12.63
CA LYS A 215 -4.38 9.31 -11.75
C LYS A 215 -4.56 9.98 -10.39
N VAL A 216 -3.67 10.90 -10.04
CA VAL A 216 -3.69 11.52 -8.73
C VAL A 216 -3.89 13.04 -8.89
N ASN A 217 -4.73 13.63 -8.03
CA ASN A 217 -4.98 15.07 -8.04
C ASN A 217 -4.06 15.85 -7.08
N ASP A 218 -3.97 17.16 -7.31
CA ASP A 218 -3.39 18.10 -6.36
C ASP A 218 -1.87 18.18 -6.39
N ILE A 219 -1.24 17.42 -7.30
CA ILE A 219 0.22 17.44 -7.42
C ILE A 219 0.58 18.18 -8.70
N ASP A 220 1.42 19.21 -8.59
CA ASP A 220 1.70 20.12 -9.70
C ASP A 220 2.93 19.76 -10.54
N VAL A 221 3.98 19.31 -9.88
CA VAL A 221 5.23 19.01 -10.56
C VAL A 221 5.79 17.75 -9.94
N ILE A 222 6.25 16.82 -10.77
CA ILE A 222 6.88 15.60 -10.31
C ILE A 222 8.31 15.51 -10.86
N VAL A 223 9.26 15.80 -9.99
CA VAL A 223 10.68 15.76 -10.31
C VAL A 223 11.13 14.33 -10.16
N THR A 224 11.61 13.77 -11.25
CA THR A 224 11.68 12.32 -11.38
C THR A 224 13.08 11.74 -11.18
N GLY A 225 13.14 10.55 -10.57
CA GLY A 225 14.37 9.78 -10.54
C GLY A 225 14.09 8.30 -10.82
N ASP A 226 15.17 7.51 -10.97
CA ASP A 226 15.11 6.05 -11.15
C ASP A 226 15.07 5.48 -12.57
N SER A 227 14.54 6.21 -13.55
CA SER A 227 14.51 5.63 -14.88
C SER A 227 15.73 6.03 -15.73
N HIS A 228 16.46 7.03 -15.29
CA HIS A 228 17.65 7.46 -16.01
C HIS A 228 17.35 8.01 -17.42
N TYR A 229 16.11 8.44 -17.67
CA TYR A 229 15.77 8.99 -19.00
C TYR A 229 16.23 10.43 -19.20
N LEU A 230 16.85 10.67 -20.34
CA LEU A 230 17.13 12.02 -20.79
C LEU A 230 15.81 12.65 -21.30
N TYR A 231 15.34 13.69 -20.62
CA TYR A 231 14.23 14.49 -21.12
C TYR A 231 14.88 15.66 -21.81
N GLY A 232 14.49 15.89 -23.07
CA GLY A 232 15.25 16.81 -23.90
C GLY A 232 14.47 17.67 -24.84
N ASN A 233 15.12 18.05 -25.94
CA ASN A 233 14.53 19.01 -26.86
C ASN A 233 15.18 18.84 -28.23
N ASP A 234 14.74 19.62 -29.20
CA ASP A 234 15.24 19.46 -30.56
C ASP A 234 16.76 19.65 -30.65
N GLU A 235 17.30 20.61 -29.90
CA GLU A 235 18.77 20.78 -29.84
C GLU A 235 19.44 19.47 -29.50
N LEU A 236 19.00 18.86 -28.40
CA LEU A 236 19.63 17.62 -27.93
C LEU A 236 19.37 16.46 -28.87
N ARG A 237 18.21 16.45 -29.53
CA ARG A 237 17.92 15.42 -30.51
C ARG A 237 18.84 15.54 -31.73
N SER A 238 19.14 16.77 -32.14
CA SER A 238 20.05 17.00 -33.27
C SER A 238 21.45 16.42 -33.02
N LEU A 239 21.82 16.29 -31.75
CA LEU A 239 23.15 15.75 -31.40
C LEU A 239 23.09 14.26 -31.23
N LYS A 240 21.92 13.70 -31.51
CA LYS A 240 21.69 12.26 -31.37
C LYS A 240 21.95 11.76 -29.96
N LEU A 241 21.78 12.62 -28.97
CA LEU A 241 21.71 12.18 -27.58
C LEU A 241 20.46 11.30 -27.38
N PRO A 242 20.48 10.41 -26.38
CA PRO A 242 19.34 9.48 -26.25
C PRO A 242 18.10 10.13 -25.62
N VAL A 243 17.50 11.07 -26.34
CA VAL A 243 16.31 11.78 -25.82
C VAL A 243 15.09 10.86 -25.77
N ILE A 244 14.52 10.69 -24.59
CA ILE A 244 13.34 9.83 -24.46
C ILE A 244 12.02 10.61 -24.54
N TYR A 245 11.96 11.74 -23.84
CA TYR A 245 10.76 12.53 -23.75
C TYR A 245 11.12 13.99 -23.81
N GLU A 246 10.12 14.83 -24.09
CA GLU A 246 10.35 16.26 -24.09
C GLU A 246 10.59 16.76 -22.64
N TYR A 247 11.45 17.77 -22.48
CA TYR A 247 11.71 18.31 -21.15
C TYR A 247 10.70 19.39 -20.93
N PRO A 248 9.72 19.10 -20.05
CA PRO A 248 8.67 18.78 -19.11
C PRO A 248 7.73 18.00 -20.00
N LEU A 249 7.25 16.87 -19.53
CA LEU A 249 6.04 16.27 -20.07
C LEU A 249 4.92 17.03 -19.38
N GLU A 250 3.80 17.25 -20.06
CA GLU A 250 2.64 17.90 -19.44
C GLU A 250 1.40 17.04 -19.60
N PHE A 251 0.80 16.69 -18.46
CA PHE A 251 -0.41 15.87 -18.43
C PHE A 251 -1.52 16.68 -17.77
N LYS A 252 -2.75 16.17 -17.86
CA LYS A 252 -3.88 16.67 -17.09
C LYS A 252 -4.24 15.59 -16.07
N ASN A 253 -4.39 15.97 -14.80
CA ASN A 253 -4.80 15.00 -13.77
C ASN A 253 -6.34 14.77 -13.86
N PRO A 254 -6.91 13.94 -12.97
CA PRO A 254 -8.35 13.71 -13.11
C PRO A 254 -9.22 14.97 -12.95
N ASN A 255 -8.71 15.98 -12.25
CA ASN A 255 -9.43 17.23 -12.06
C ASN A 255 -9.17 18.21 -13.20
N GLY A 256 -8.39 17.78 -14.19
CA GLY A 256 -8.08 18.62 -15.34
C GLY A 256 -6.94 19.61 -15.15
N GLU A 257 -6.27 19.56 -14.00
CA GLU A 257 -5.17 20.49 -13.73
C GLU A 257 -3.91 19.98 -14.44
N PRO A 258 -3.07 20.90 -14.91
CA PRO A 258 -1.79 20.44 -15.48
C PRO A 258 -0.88 19.81 -14.43
N VAL A 259 -0.10 18.83 -14.88
CA VAL A 259 0.94 18.21 -14.08
C VAL A 259 2.15 18.09 -14.98
N PHE A 260 3.28 18.58 -14.49
CA PHE A 260 4.53 18.50 -15.24
C PHE A 260 5.44 17.43 -14.66
N VAL A 261 6.03 16.60 -15.52
CA VAL A 261 6.89 15.51 -15.12
C VAL A 261 8.23 15.66 -15.85
N MET A 262 9.33 15.53 -15.13
CA MET A 262 10.63 15.54 -15.80
C MET A 262 11.73 14.88 -14.98
N GLU A 263 12.72 14.34 -15.69
CA GLU A 263 13.90 13.69 -15.13
C GLU A 263 15.12 14.40 -15.71
N GLY A 264 16.30 14.14 -15.14
CA GLY A 264 17.52 14.78 -15.60
C GLY A 264 18.58 13.76 -15.99
N TRP A 265 18.19 12.77 -16.78
CA TRP A 265 19.09 11.74 -17.31
C TRP A 265 19.71 11.00 -16.12
N ALA A 266 21.04 10.95 -16.05
CA ALA A 266 21.72 10.28 -14.94
C ALA A 266 23.21 10.60 -14.95
N TYR A 267 23.92 10.03 -13.96
CA TYR A 267 25.39 10.06 -13.88
C TYR A 267 25.98 11.49 -13.96
N SER A 268 25.35 12.41 -13.23
CA SER A 268 25.77 13.80 -13.16
C SER A 268 25.95 14.51 -14.52
N ALA A 269 25.20 14.06 -15.52
CA ALA A 269 25.35 14.60 -16.87
C ALA A 269 24.53 15.85 -17.11
N VAL A 270 23.45 16.02 -16.37
CA VAL A 270 22.47 17.07 -16.64
C VAL A 270 22.02 17.84 -15.38
N VAL A 271 21.85 19.16 -15.53
CA VAL A 271 21.13 19.92 -14.54
C VAL A 271 19.82 20.42 -15.16
N GLY A 272 18.69 19.92 -14.66
CA GLY A 272 17.39 20.38 -15.13
C GLY A 272 17.07 21.77 -14.59
N ASP A 273 16.41 22.57 -15.40
CA ASP A 273 16.20 24.00 -15.12
C ASP A 273 14.78 24.30 -15.55
N LEU A 274 13.83 24.29 -14.62
CA LEU A 274 12.43 24.48 -14.98
C LEU A 274 11.87 25.63 -14.17
N GLY A 275 11.45 26.67 -14.86
CA GLY A 275 10.82 27.81 -14.23
C GLY A 275 9.32 27.58 -14.27
N VAL A 276 8.70 27.63 -13.11
CA VAL A 276 7.28 27.32 -12.95
C VAL A 276 6.57 28.53 -12.32
N LYS A 277 5.49 28.98 -12.95
CA LYS A 277 4.62 29.99 -12.34
C LYS A 277 3.35 29.34 -11.82
N PHE A 278 3.01 29.63 -10.57
CA PHE A 278 1.79 29.11 -9.98
C PHE A 278 0.76 30.25 -9.84
N SER A 279 -0.44 30.04 -10.35
CA SER A 279 -1.52 31.01 -10.15
C SER A 279 -1.90 31.06 -8.66
N PRO A 280 -2.74 32.04 -8.28
CA PRO A 280 -3.22 32.05 -6.89
C PRO A 280 -3.90 30.73 -6.52
N GLU A 281 -4.62 30.14 -7.47
CA GLU A 281 -5.34 28.90 -7.21
C GLU A 281 -4.43 27.66 -7.29
N GLY A 282 -3.15 27.86 -7.58
CA GLY A 282 -2.18 26.77 -7.58
C GLY A 282 -2.06 25.96 -8.87
N ILE A 283 -2.37 26.58 -10.00
CA ILE A 283 -2.23 25.94 -11.29
C ILE A 283 -0.85 26.34 -11.86
N ALA A 284 -0.04 25.34 -12.23
CA ALA A 284 1.31 25.59 -12.69
C ALA A 284 1.36 25.89 -14.19
N SER A 285 2.30 26.72 -14.57
CA SER A 285 2.59 26.95 -15.98
C SER A 285 4.10 27.10 -16.13
N ILE A 286 4.61 26.82 -17.33
CA ILE A 286 6.05 26.83 -17.54
C ILE A 286 6.58 28.16 -18.12
N THR A 287 7.54 28.76 -17.43
CA THR A 287 8.15 30.01 -17.89
C THR A 287 9.54 29.81 -18.49
N ARG A 288 10.14 28.66 -18.20
CA ARG A 288 11.50 28.37 -18.70
C ARG A 288 11.69 26.87 -18.59
N LYS A 289 12.37 26.29 -19.57
CA LYS A 289 12.56 24.84 -19.59
C LYS A 289 13.87 24.50 -20.32
N ILE A 290 14.91 24.22 -19.56
CA ILE A 290 16.20 23.92 -20.18
C ILE A 290 16.87 22.75 -19.51
N PRO A 291 17.03 21.66 -20.25
CA PRO A 291 17.91 20.62 -19.72
C PRO A 291 19.38 20.95 -20.08
N HIS A 292 20.17 21.33 -19.09
CA HIS A 292 21.56 21.67 -19.38
C HIS A 292 22.43 20.45 -19.40
N VAL A 293 22.90 20.04 -20.57
CA VAL A 293 23.92 18.99 -20.61
C VAL A 293 25.30 19.55 -20.28
N LEU A 294 25.96 18.97 -19.28
CA LEU A 294 27.24 19.49 -18.82
C LEU A 294 28.33 18.84 -19.61
N MET A 295 29.01 19.61 -20.46
CA MET A 295 29.99 19.05 -21.37
C MET A 295 31.36 19.73 -21.25
N SER A 296 32.41 18.94 -21.42
CA SER A 296 33.76 19.49 -21.52
C SER A 296 34.07 19.87 -22.96
N SER A 297 34.93 20.86 -23.14
CA SER A 297 35.36 21.21 -24.49
C SER A 297 36.69 20.55 -24.83
N HIS A 298 37.24 19.79 -23.89
CA HIS A 298 38.60 19.26 -24.01
C HIS A 298 38.69 18.00 -24.88
N LYS A 299 37.72 17.12 -24.76
CA LYS A 299 37.69 15.93 -25.61
C LYS A 299 36.72 16.10 -26.77
N LEU A 300 37.27 16.05 -27.98
CA LEU A 300 36.50 16.11 -29.21
C LEU A 300 37.14 15.19 -30.23
N GLN A 301 36.84 13.90 -30.16
CA GLN A 301 37.50 12.93 -31.00
C GLN A 301 36.58 12.40 -32.09
N VAL A 302 37.11 12.30 -33.30
CA VAL A 302 36.37 11.75 -34.42
C VAL A 302 37.24 10.67 -35.09
N LYS A 303 36.63 9.66 -35.68
CA LYS A 303 37.41 8.66 -36.40
C LYS A 303 38.04 9.31 -37.62
N ASN A 304 39.35 9.17 -37.73
CA ASN A 304 40.04 9.67 -38.92
C ASN A 304 39.87 8.68 -40.05
N SER A 305 40.51 8.94 -41.19
CA SER A 305 40.31 8.15 -42.39
C SER A 305 40.74 6.69 -42.22
N GLU A 306 41.52 6.42 -41.17
CA GLU A 306 41.97 5.07 -40.88
C GLU A 306 41.04 4.30 -39.94
N GLY A 307 40.10 5.01 -39.33
CA GLY A 307 39.22 4.40 -38.36
C GLY A 307 39.70 4.58 -36.94
N LYS A 308 40.65 5.47 -36.73
CA LYS A 308 41.19 5.73 -35.39
C LYS A 308 40.64 7.01 -34.77
N TRP A 309 40.09 6.89 -33.57
CA TRP A 309 39.60 8.03 -32.83
C TRP A 309 40.70 9.05 -32.60
N ALA A 310 40.60 10.18 -33.24
CA ALA A 310 41.63 11.21 -33.10
C ALA A 310 40.99 12.54 -32.72
N GLU A 311 41.62 13.24 -31.78
CA GLU A 311 41.18 14.58 -31.42
C GLU A 311 41.15 15.47 -32.64
N LEU A 312 40.07 16.21 -32.81
CA LEU A 312 39.99 17.19 -33.86
C LEU A 312 41.08 18.25 -33.67
N THR A 313 41.49 18.85 -34.77
CA THR A 313 42.52 19.88 -34.73
C THR A 313 42.20 20.92 -35.78
N GLY A 314 42.90 22.05 -35.73
CA GLY A 314 42.71 23.09 -36.72
C GLY A 314 41.29 23.57 -36.76
N ASP A 315 40.75 23.80 -37.96
CA ASP A 315 39.46 24.46 -38.10
C ASP A 315 38.28 23.50 -37.98
N GLU A 316 38.50 22.21 -38.21
CA GLU A 316 37.43 21.25 -37.94
C GLU A 316 37.07 21.30 -36.45
N ARG A 317 38.09 21.35 -35.59
CA ARG A 317 37.86 21.49 -34.15
C ARG A 317 37.17 22.80 -33.77
N LYS A 318 37.61 23.90 -34.36
CA LYS A 318 36.98 25.19 -34.11
C LYS A 318 35.48 25.15 -34.43
N LYS A 319 35.12 24.51 -35.53
CA LYS A 319 33.73 24.40 -35.98
C LYS A 319 32.91 23.53 -35.04
N ALA A 320 33.53 22.49 -34.51
CA ALA A 320 32.84 21.60 -33.57
C ALA A 320 32.54 22.38 -32.31
N LEU A 321 33.56 23.02 -31.75
CA LEU A 321 33.38 23.83 -30.56
C LEU A 321 32.35 24.91 -30.76
N ASP A 322 32.46 25.66 -31.85
CA ASP A 322 31.54 26.76 -32.11
C ASP A 322 30.08 26.32 -32.19
N THR A 323 29.84 25.11 -32.71
CA THR A 323 28.47 24.59 -32.81
C THR A 323 27.86 24.37 -31.43
N LEU A 324 28.61 23.68 -30.55
CA LEU A 324 28.18 23.46 -29.17
C LEU A 324 27.89 24.79 -28.43
N LYS A 325 28.76 25.78 -28.62
CA LYS A 325 28.57 27.09 -27.99
C LYS A 325 27.27 27.77 -28.42
N SER A 326 26.77 27.40 -29.60
CA SER A 326 25.56 28.00 -30.15
C SER A 326 24.27 27.37 -29.56
N MET A 327 24.43 26.37 -28.70
CA MET A 327 23.26 25.67 -28.15
C MET A 327 23.01 26.01 -26.68
N LYS A 328 21.79 26.45 -26.40
CA LYS A 328 21.36 26.83 -25.07
C LYS A 328 21.35 25.69 -24.06
N SER A 329 21.14 24.47 -24.55
CA SER A 329 21.05 23.31 -23.66
C SER A 329 22.40 22.61 -23.46
N ILE A 330 23.45 23.15 -24.06
CA ILE A 330 24.80 22.64 -23.82
C ILE A 330 25.55 23.65 -22.96
N SER A 331 26.14 23.17 -21.88
CA SER A 331 26.90 24.00 -20.97
C SER A 331 28.35 23.50 -20.92
N LEU A 332 29.29 24.34 -21.32
CA LEU A 332 30.70 23.92 -21.46
C LEU A 332 31.59 24.33 -20.30
N ASP A 333 32.36 23.35 -19.82
CA ASP A 333 33.46 23.62 -18.88
C ASP A 333 33.09 24.31 -17.57
N ASP A 334 31.89 24.04 -17.04
CA ASP A 334 31.60 24.47 -15.68
C ASP A 334 32.54 23.72 -14.73
N HIS A 335 33.02 24.42 -13.70
CA HIS A 335 33.80 23.76 -12.64
C HIS A 335 33.80 24.60 -11.36
N ASP A 336 33.74 23.92 -10.23
CA ASP A 336 33.63 24.57 -8.92
C ASP A 336 34.87 24.26 -8.11
N ALA A 337 35.56 25.29 -7.65
CA ALA A 337 36.82 25.09 -6.94
C ALA A 337 36.66 24.22 -5.70
N LYS A 338 35.65 24.51 -4.89
CA LYS A 338 35.43 23.74 -3.66
C LYS A 338 35.22 22.26 -3.97
N THR A 339 34.40 21.98 -4.98
CA THR A 339 34.18 20.60 -5.39
C THR A 339 35.44 20.00 -6.03
N ASP A 340 36.16 20.80 -6.81
CA ASP A 340 37.41 20.32 -7.42
C ASP A 340 38.35 19.74 -6.38
N LYS A 341 38.57 20.48 -5.30
CA LYS A 341 39.43 20.03 -4.21
C LYS A 341 38.95 18.73 -3.58
N LEU A 342 37.66 18.64 -3.29
CA LEU A 342 37.10 17.43 -2.66
C LEU A 342 37.37 16.22 -3.52
N ILE A 343 37.06 16.35 -4.81
CA ILE A 343 37.24 15.25 -5.75
C ILE A 343 38.72 14.89 -5.99
N ALA A 344 39.59 15.90 -5.99
CA ALA A 344 41.04 15.68 -6.10
C ALA A 344 41.51 14.78 -4.97
N LYS A 345 41.04 15.07 -3.76
CA LYS A 345 41.39 14.24 -2.59
C LYS A 345 40.99 12.77 -2.75
N TYR A 346 39.72 12.52 -3.02
CA TYR A 346 39.28 11.13 -3.15
C TYR A 346 39.88 10.42 -4.36
N LYS A 347 40.02 11.13 -5.47
CA LYS A 347 40.57 10.57 -6.70
C LYS A 347 42.02 10.12 -6.51
N SER A 348 42.79 10.90 -5.77
CA SER A 348 44.19 10.54 -5.55
C SER A 348 44.29 9.32 -4.64
N GLU A 349 43.38 9.18 -3.68
CA GLU A 349 43.34 7.99 -2.82
C GLU A 349 42.93 6.75 -3.63
N LYS A 350 41.92 6.91 -4.50
CA LYS A 350 41.52 5.84 -5.40
C LYS A 350 42.66 5.38 -6.29
N ASP A 351 43.40 6.32 -6.86
CA ASP A 351 44.54 6.00 -7.72
C ASP A 351 45.65 5.28 -6.95
N ARG A 352 45.83 5.68 -5.69
CA ARG A 352 46.86 5.07 -4.84
C ARG A 352 46.54 3.61 -4.60
N LEU A 353 45.26 3.31 -4.39
CA LEU A 353 44.79 1.97 -4.06
C LEU A 353 44.97 1.05 -5.24
N ALA A 354 44.89 1.61 -6.43
CA ALA A 354 44.97 0.84 -7.67
C ALA A 354 46.41 0.46 -8.00
N GLN A 355 47.37 1.07 -7.32
CA GLN A 355 48.78 0.75 -7.51
C GLN A 355 49.03 -0.72 -7.15
N GLU A 356 48.16 -1.29 -6.33
CA GLU A 356 48.38 -2.61 -5.77
C GLU A 356 47.92 -3.71 -6.72
N ILE A 357 48.87 -4.49 -7.26
CA ILE A 357 48.52 -5.63 -8.12
C ILE A 357 48.28 -6.84 -7.22
N VAL A 358 47.13 -7.48 -7.36
CA VAL A 358 46.76 -8.62 -6.53
C VAL A 358 46.90 -9.93 -7.29
N GLY A 359 47.08 -9.84 -8.61
CA GLY A 359 47.26 -11.05 -9.39
C GLY A 359 47.29 -10.82 -10.88
N VAL A 360 47.37 -11.92 -11.61
CA VAL A 360 47.42 -11.89 -13.05
C VAL A 360 46.54 -12.96 -13.64
N ILE A 361 45.74 -12.57 -14.62
CA ILE A 361 44.93 -13.50 -15.39
C ILE A 361 45.51 -13.60 -16.79
N THR A 362 45.58 -14.82 -17.32
CA THR A 362 46.10 -15.05 -18.67
C THR A 362 45.00 -15.46 -19.61
N GLY A 363 45.22 -15.27 -20.91
CA GLY A 363 44.33 -15.85 -21.89
C GLY A 363 43.38 -14.87 -22.55
N SER A 364 42.09 -15.15 -22.42
CA SER A 364 41.03 -14.45 -23.14
C SER A 364 40.18 -13.62 -22.17
N ALA A 365 39.63 -12.51 -22.67
CA ALA A 365 38.72 -11.68 -21.90
C ALA A 365 37.48 -12.47 -21.49
N MET A 366 36.97 -12.21 -20.29
CA MET A 366 35.76 -12.87 -19.82
C MET A 366 34.61 -11.88 -19.73
N PRO A 367 33.66 -11.98 -20.66
CA PRO A 367 32.51 -11.07 -20.72
C PRO A 367 31.73 -11.04 -19.42
N GLY A 368 31.38 -9.84 -18.98
CA GLY A 368 30.63 -9.64 -17.73
C GLY A 368 29.85 -8.33 -17.82
N GLY A 369 29.39 -7.83 -16.69
CA GLY A 369 28.61 -6.61 -16.68
C GLY A 369 27.22 -6.77 -17.25
N SER A 370 26.51 -5.65 -17.40
CA SER A 370 25.10 -5.68 -17.74
C SER A 370 24.77 -6.31 -19.08
N ALA A 371 25.52 -5.96 -20.10
CA ALA A 371 25.21 -6.36 -21.45
C ALA A 371 25.28 -7.87 -21.66
N ASN A 372 26.07 -8.54 -20.82
CA ASN A 372 26.32 -9.99 -20.95
C ASN A 372 25.64 -10.86 -19.89
N ARG A 373 24.70 -10.28 -19.15
CA ARG A 373 24.04 -11.02 -18.09
C ARG A 373 23.34 -12.29 -18.57
N ILE A 374 22.69 -12.20 -19.73
CA ILE A 374 21.91 -13.33 -20.27
C ILE A 374 22.52 -13.80 -21.58
N PRO A 375 22.85 -15.11 -21.65
CA PRO A 375 23.56 -15.57 -22.84
C PRO A 375 22.67 -15.45 -24.05
N ASN A 376 23.28 -15.24 -25.20
CA ASN A 376 22.58 -15.38 -26.49
C ASN A 376 21.54 -14.31 -26.79
N LYS A 377 21.59 -13.19 -26.06
CA LYS A 377 20.69 -12.09 -26.33
C LYS A 377 21.41 -11.04 -27.15
N ALA A 378 20.65 -10.14 -27.75
CA ALA A 378 21.22 -8.99 -28.44
C ALA A 378 22.08 -8.21 -27.44
N GLY A 379 23.30 -7.87 -27.84
CA GLY A 379 24.20 -7.11 -26.98
C GLY A 379 25.11 -7.99 -26.13
N SER A 380 24.74 -9.25 -26.00
CA SER A 380 25.47 -10.20 -25.19
C SER A 380 26.43 -11.01 -26.07
N ASN A 381 26.66 -12.26 -25.69
CA ASN A 381 27.46 -13.18 -26.47
C ASN A 381 26.94 -14.58 -26.16
N PRO A 382 27.36 -15.59 -26.94
CA PRO A 382 26.80 -16.93 -26.77
C PRO A 382 26.97 -17.54 -25.38
N GLU A 383 28.00 -17.15 -24.62
CA GLU A 383 28.20 -17.76 -23.29
C GLU A 383 27.60 -16.91 -22.16
N GLY A 384 27.20 -15.68 -22.48
CA GLY A 384 26.73 -14.77 -21.45
C GLY A 384 27.86 -14.37 -20.51
N SER A 385 27.59 -14.36 -19.22
CA SER A 385 28.53 -13.79 -18.26
C SER A 385 29.56 -14.79 -17.78
N ILE A 386 30.56 -15.06 -18.61
CA ILE A 386 31.69 -15.90 -18.19
C ILE A 386 32.34 -15.33 -16.93
N ALA A 387 32.34 -14.01 -16.80
CA ALA A 387 32.94 -13.39 -15.61
C ALA A 387 32.20 -13.80 -14.32
N THR A 388 30.88 -14.00 -14.39
CA THR A 388 30.15 -14.50 -13.23
C THR A 388 30.47 -15.97 -12.92
N ARG A 389 30.66 -16.79 -13.95
CA ARG A 389 31.11 -18.17 -13.75
C ARG A 389 32.48 -18.19 -13.07
N PHE A 390 33.38 -17.34 -13.53
CA PHE A 390 34.69 -17.17 -12.90
C PHE A 390 34.58 -16.80 -11.42
N ILE A 391 33.76 -15.80 -11.08
CA ILE A 391 33.60 -15.44 -9.67
C ILE A 391 33.04 -16.63 -8.87
N ALA A 392 32.10 -17.37 -9.45
CA ALA A 392 31.56 -18.58 -8.82
C ALA A 392 32.66 -19.63 -8.51
N GLU A 393 33.58 -19.81 -9.45
CA GLU A 393 34.71 -20.74 -9.29
C GLU A 393 35.62 -20.31 -8.15
N THR A 394 35.80 -19.00 -8.06
CA THR A 394 36.51 -18.34 -6.98
C THR A 394 35.87 -18.64 -5.61
N MET A 395 34.54 -18.56 -5.53
CA MET A 395 33.84 -18.87 -4.28
C MET A 395 33.89 -20.37 -3.94
N TYR A 396 33.76 -21.19 -4.97
CA TYR A 396 33.88 -22.63 -4.86
C TYR A 396 35.20 -23.01 -4.21
N ASN A 397 36.28 -22.46 -4.73
CA ASN A 397 37.63 -22.77 -4.27
C ASN A 397 37.87 -22.33 -2.83
N GLU A 398 37.36 -21.17 -2.46
CA GLU A 398 37.64 -20.67 -1.12
C GLU A 398 36.61 -21.15 -0.08
N LEU A 399 35.55 -21.79 -0.56
CA LEU A 399 34.57 -22.48 0.29
C LEU A 399 34.89 -23.98 0.29
N LYS A 400 36.16 -24.31 0.23
CA LYS A 400 36.69 -25.69 0.14
C LYS A 400 35.77 -26.92 0.18
N THR A 401 34.76 -26.95 1.06
CA THR A 401 33.97 -28.16 1.28
C THR A 401 32.64 -28.20 0.52
N VAL A 402 32.42 -27.20 -0.32
CA VAL A 402 31.14 -27.04 -1.00
C VAL A 402 31.06 -27.91 -2.28
N ASP A 403 29.86 -28.41 -2.61
CA ASP A 403 29.65 -29.16 -3.84
C ASP A 403 29.44 -28.29 -5.08
N LEU A 404 29.14 -27.02 -4.87
CA LEU A 404 28.46 -26.26 -5.91
C LEU A 404 28.29 -24.84 -5.42
N THR A 405 28.52 -23.87 -6.29
CA THR A 405 28.22 -22.47 -5.96
C THR A 405 27.37 -21.84 -7.04
N ILE A 406 26.54 -20.88 -6.63
CA ILE A 406 25.70 -20.10 -7.53
C ILE A 406 25.92 -18.62 -7.25
N GLN A 407 26.13 -17.83 -8.31
CA GLN A 407 26.34 -16.39 -8.21
C GLN A 407 25.43 -15.73 -9.22
N ASN A 408 24.77 -14.64 -8.82
CA ASN A 408 23.93 -13.88 -9.73
C ASN A 408 24.78 -12.97 -10.61
N ALA A 409 24.43 -12.91 -11.90
CA ALA A 409 25.16 -12.08 -12.85
C ALA A 409 25.24 -10.61 -12.42
N GLY A 410 24.19 -10.09 -11.79
CA GLY A 410 24.19 -8.70 -11.34
C GLY A 410 25.23 -8.46 -10.25
N GLY A 411 25.70 -9.54 -9.64
CA GLY A 411 26.69 -9.44 -8.60
C GLY A 411 28.11 -9.26 -9.11
N VAL A 412 28.27 -9.27 -10.43
CA VAL A 412 29.59 -9.14 -11.06
C VAL A 412 29.48 -8.04 -12.11
N ARG A 413 30.20 -6.93 -11.88
CA ARG A 413 29.85 -5.65 -12.55
C ARG A 413 30.63 -5.25 -13.82
N ALA A 414 31.54 -6.09 -14.29
CA ALA A 414 32.31 -5.76 -15.49
C ALA A 414 32.85 -7.01 -16.19
N ASP A 415 33.30 -6.85 -17.43
CA ASP A 415 34.15 -7.85 -18.08
C ASP A 415 35.40 -8.02 -17.22
N ILE A 416 36.00 -9.20 -17.23
CA ILE A 416 37.27 -9.40 -16.51
C ILE A 416 38.30 -9.68 -17.59
N LEU A 417 39.30 -8.81 -17.70
CA LEU A 417 40.23 -8.89 -18.82
C LEU A 417 41.57 -9.48 -18.41
N PRO A 418 42.28 -10.08 -19.37
CA PRO A 418 43.58 -10.63 -19.05
C PRO A 418 44.53 -9.52 -18.61
N GLY A 419 45.52 -9.85 -17.80
CA GLY A 419 46.51 -8.88 -17.42
C GLY A 419 46.50 -8.74 -15.92
N ASN A 420 47.17 -7.71 -15.44
CA ASN A 420 47.18 -7.42 -14.02
C ASN A 420 45.76 -7.19 -13.47
N VAL A 421 45.49 -7.73 -12.30
CA VAL A 421 44.24 -7.42 -11.58
C VAL A 421 44.63 -6.58 -10.37
N THR A 422 44.13 -5.35 -10.30
CA THR A 422 44.45 -4.45 -9.20
C THR A 422 43.47 -4.58 -8.03
N PHE A 423 43.85 -4.01 -6.90
CA PHE A 423 42.99 -3.95 -5.74
C PHE A 423 41.66 -3.29 -6.13
N ASN A 424 41.72 -2.24 -6.95
CA ASN A 424 40.52 -1.52 -7.39
C ASN A 424 39.64 -2.37 -8.32
N ASP A 425 40.27 -3.17 -9.18
CA ASP A 425 39.54 -4.10 -10.02
C ASP A 425 38.64 -4.99 -9.17
N ALA A 426 39.21 -5.55 -8.10
CA ALA A 426 38.45 -6.48 -7.26
C ALA A 426 37.16 -5.84 -6.77
N TYR A 427 37.27 -4.60 -6.31
CA TYR A 427 36.13 -3.85 -5.79
C TYR A 427 35.26 -3.25 -6.89
N THR A 428 35.70 -3.33 -8.13
CA THR A 428 34.88 -2.94 -9.27
C THR A 428 33.99 -4.14 -9.66
N PHE A 429 34.60 -5.32 -9.73
CA PHE A 429 33.86 -6.55 -10.00
C PHE A 429 32.85 -6.84 -8.89
N LEU A 430 33.27 -6.63 -7.64
CA LEU A 430 32.52 -7.07 -6.47
C LEU A 430 32.33 -5.93 -5.46
N PRO A 431 31.35 -5.07 -5.71
CA PRO A 431 31.32 -3.83 -4.94
C PRO A 431 30.38 -3.88 -3.75
N PHE A 432 29.71 -5.00 -3.51
CA PHE A 432 28.56 -5.00 -2.61
C PHE A 432 28.88 -5.36 -1.17
N GLY A 433 30.04 -5.95 -0.93
CA GLY A 433 30.44 -6.29 0.41
C GLY A 433 29.60 -7.39 1.01
N ASN A 434 29.15 -8.33 0.20
CA ASN A 434 28.48 -9.52 0.70
C ASN A 434 29.49 -10.42 1.36
N THR A 435 29.03 -11.24 2.30
CA THR A 435 29.84 -12.37 2.76
C THR A 435 29.35 -13.61 2.04
N LEU A 436 30.11 -14.70 2.12
CA LEU A 436 29.69 -15.94 1.48
C LEU A 436 28.76 -16.74 2.40
N TYR A 437 27.86 -17.51 1.82
CA TYR A 437 26.81 -18.18 2.58
C TYR A 437 26.63 -19.59 2.02
N THR A 438 26.33 -20.57 2.88
CA THR A 438 26.12 -21.95 2.40
C THR A 438 24.81 -22.56 2.93
N TYR A 439 24.22 -23.44 2.13
CA TYR A 439 23.05 -24.23 2.54
C TYR A 439 23.32 -25.72 2.30
N LYS A 440 22.56 -26.56 2.99
CA LYS A 440 22.51 -27.99 2.67
C LYS A 440 21.10 -28.24 2.16
N MET A 441 20.98 -28.64 0.90
CA MET A 441 19.68 -28.64 0.27
C MET A 441 19.64 -29.68 -0.83
N GLU A 442 18.43 -30.21 -1.07
CA GLU A 442 18.26 -31.34 -1.94
C GLU A 442 18.28 -30.92 -3.42
N GLY A 443 18.59 -31.87 -4.30
CA GLY A 443 18.72 -31.59 -5.73
C GLY A 443 17.53 -30.91 -6.37
N SER A 444 16.32 -31.27 -5.94
CA SER A 444 15.14 -30.65 -6.50
C SER A 444 15.06 -29.18 -6.14
N LEU A 445 15.58 -28.81 -4.98
CA LEU A 445 15.56 -27.43 -4.52
C LEU A 445 16.57 -26.58 -5.29
N VAL A 446 17.71 -27.18 -5.61
CA VAL A 446 18.70 -26.54 -6.45
C VAL A 446 18.13 -26.22 -7.81
N LYS A 447 17.43 -27.18 -8.42
CA LYS A 447 16.75 -26.95 -9.70
C LYS A 447 15.77 -25.75 -9.61
N GLN A 448 14.97 -25.73 -8.55
CA GLN A 448 13.94 -24.69 -8.40
C GLN A 448 14.56 -23.30 -8.19
N VAL A 449 15.64 -23.21 -7.43
CA VAL A 449 16.27 -21.91 -7.25
C VAL A 449 16.81 -21.39 -8.60
N LEU A 450 17.35 -22.27 -9.44
CA LEU A 450 17.70 -21.86 -10.81
C LEU A 450 16.51 -21.36 -11.62
N GLU A 451 15.37 -22.08 -11.54
CA GLU A 451 14.13 -21.64 -12.19
C GLU A 451 13.65 -20.28 -11.67
N ASP A 452 13.61 -20.12 -10.36
CA ASP A 452 13.22 -18.86 -9.74
C ASP A 452 14.08 -17.70 -10.25
N ALA A 453 15.40 -17.91 -10.25
CA ALA A 453 16.31 -16.84 -10.66
C ALA A 453 16.13 -16.48 -12.12
N MET A 454 16.01 -17.49 -12.99
CA MET A 454 15.75 -17.23 -14.41
C MET A 454 14.39 -16.54 -14.64
N GLN A 455 13.35 -16.97 -13.93
CA GLN A 455 12.04 -16.32 -14.06
C GLN A 455 12.15 -14.84 -13.70
N PHE A 456 12.93 -14.53 -12.67
CA PHE A 456 13.07 -13.14 -12.23
C PHE A 456 13.85 -12.37 -13.27
N ALA A 457 14.91 -12.97 -13.78
CA ALA A 457 15.78 -12.33 -14.75
C ALA A 457 15.10 -12.08 -16.10
N LEU A 458 14.19 -12.96 -16.49
CA LEU A 458 13.63 -12.97 -17.85
C LEU A 458 12.25 -12.35 -17.95
N VAL A 459 11.54 -12.29 -16.83
CA VAL A 459 10.17 -11.81 -16.83
C VAL A 459 9.90 -10.77 -15.73
N ASP A 460 9.95 -11.22 -14.47
CA ASP A 460 9.38 -10.48 -13.34
C ASP A 460 10.22 -9.32 -12.80
N GLY A 461 11.53 -9.37 -12.96
CA GLY A 461 12.38 -8.35 -12.38
C GLY A 461 13.65 -8.05 -13.15
N SER A 462 14.78 -8.04 -12.43
CA SER A 462 16.05 -7.60 -12.97
C SER A 462 16.89 -8.69 -13.64
N THR A 463 17.51 -8.33 -14.76
CA THR A 463 18.41 -9.23 -15.45
C THR A 463 19.58 -9.66 -14.55
N GLY A 464 19.89 -8.87 -13.52
CA GLY A 464 21.00 -9.20 -12.63
C GLY A 464 20.79 -10.51 -11.89
N ALA A 465 19.58 -11.06 -11.95
CA ALA A 465 19.28 -12.29 -11.24
C ALA A 465 19.85 -13.52 -11.93
N PHE A 466 20.21 -13.37 -13.20
CA PHE A 466 20.54 -14.57 -13.95
C PHE A 466 21.68 -15.35 -13.30
N PRO A 467 21.51 -16.66 -13.13
CA PRO A 467 22.44 -17.45 -12.32
C PRO A 467 23.50 -18.21 -13.10
N TYR A 468 24.74 -18.17 -12.60
CA TYR A 468 25.85 -18.94 -13.16
C TYR A 468 26.52 -19.65 -12.01
N GLY A 469 27.07 -20.83 -12.27
CA GLY A 469 27.63 -21.62 -11.19
C GLY A 469 28.98 -22.25 -11.43
N ALA A 470 29.53 -22.81 -10.35
CA ALA A 470 30.77 -23.58 -10.44
C ALA A 470 30.44 -24.93 -9.82
N GLY A 471 30.88 -26.01 -10.45
CA GLY A 471 30.53 -27.32 -9.94
C GLY A 471 29.10 -27.68 -10.32
N ILE A 472 28.47 -26.80 -11.09
CA ILE A 472 27.14 -27.04 -11.68
C ILE A 472 27.04 -26.39 -13.03
N ARG A 473 26.41 -27.07 -13.98
CA ARG A 473 26.20 -26.51 -15.31
C ARG A 473 24.81 -26.94 -15.80
N TYR A 474 24.20 -26.15 -16.66
CA TYR A 474 22.82 -26.40 -17.05
C TYR A 474 22.46 -25.85 -18.42
N GLU A 475 21.39 -26.38 -18.99
CA GLU A 475 20.86 -25.87 -20.24
C GLU A 475 19.42 -25.45 -19.99
N ALA A 476 19.00 -24.37 -20.63
CA ALA A 476 17.69 -23.82 -20.41
C ALA A 476 17.20 -23.12 -21.67
N ASN A 477 15.89 -22.97 -21.78
CA ASN A 477 15.28 -22.22 -22.87
C ASN A 477 14.64 -20.96 -22.33
N GLU A 478 14.67 -19.90 -23.13
CA GLU A 478 13.93 -18.68 -22.82
C GLU A 478 12.48 -19.04 -22.55
N THR A 479 11.88 -19.70 -23.53
CA THR A 479 10.48 -20.08 -23.51
C THR A 479 10.24 -21.27 -22.59
N PRO A 480 9.44 -21.09 -21.53
CA PRO A 480 9.11 -22.24 -20.68
C PRO A 480 8.34 -23.27 -21.50
N ASN A 481 8.32 -24.51 -21.01
CA ASN A 481 7.68 -25.60 -21.74
C ASN A 481 6.28 -25.92 -21.25
N ALA A 482 5.94 -27.21 -21.31
CA ALA A 482 4.66 -27.73 -20.84
C ALA A 482 4.41 -27.39 -19.39
N GLU A 483 5.05 -28.14 -18.50
CA GLU A 483 4.87 -27.98 -17.05
C GLU A 483 5.35 -26.63 -16.52
N GLY A 484 5.77 -25.74 -17.43
CA GLY A 484 6.15 -24.39 -17.06
C GLY A 484 7.63 -24.16 -16.89
N LYS A 485 8.43 -25.23 -17.03
CA LYS A 485 9.87 -25.18 -16.75
C LYS A 485 10.73 -24.64 -17.90
N ARG A 486 11.92 -24.14 -17.56
CA ARG A 486 12.86 -23.68 -18.58
C ARG A 486 14.08 -24.59 -18.67
N LEU A 487 14.34 -25.35 -17.61
CA LEU A 487 15.55 -26.16 -17.52
C LEU A 487 15.45 -27.38 -18.43
N VAL A 488 16.49 -27.60 -19.24
CA VAL A 488 16.56 -28.78 -20.07
C VAL A 488 17.36 -29.88 -19.37
N SER A 489 18.42 -29.49 -18.69
CA SER A 489 19.23 -30.44 -17.92
C SER A 489 20.15 -29.72 -16.95
N VAL A 490 20.50 -30.39 -15.86
CA VAL A 490 21.47 -29.86 -14.90
C VAL A 490 22.45 -30.97 -14.54
N GLU A 491 23.74 -30.64 -14.49
CA GLU A 491 24.77 -31.59 -14.05
C GLU A 491 25.61 -31.01 -12.92
N VAL A 492 25.97 -31.86 -11.98
CA VAL A 492 26.85 -31.49 -10.89
C VAL A 492 28.16 -32.28 -10.98
N LEU A 493 29.27 -31.61 -10.69
CA LEU A 493 30.59 -32.24 -10.76
C LEU A 493 30.82 -33.09 -9.52
N ASN A 494 31.05 -34.38 -9.73
CA ASN A 494 31.42 -35.25 -8.62
C ASN A 494 32.78 -34.86 -8.09
N LYS A 495 32.80 -34.39 -6.85
CA LYS A 495 34.01 -33.88 -6.24
C LYS A 495 34.97 -35.03 -5.92
N THR A 497 36.02 -37.95 -7.58
CA THR A 497 36.16 -38.66 -8.85
C THR A 497 36.24 -37.71 -10.03
N GLN A 498 35.78 -36.48 -9.83
CA GLN A 498 35.92 -35.40 -10.80
C GLN A 498 35.17 -35.65 -12.13
N GLN A 499 34.02 -36.29 -12.04
CA GLN A 499 33.18 -36.52 -13.22
C GLN A 499 31.83 -35.77 -13.13
N TRP A 500 31.43 -35.17 -14.24
CA TRP A 500 30.13 -34.51 -14.30
C TRP A 500 29.02 -35.54 -14.44
N GLU A 501 28.01 -35.43 -13.57
CA GLU A 501 26.89 -36.35 -13.59
C GLU A 501 25.58 -35.62 -13.34
N PRO A 502 24.48 -36.11 -13.95
CA PRO A 502 23.20 -35.43 -13.77
C PRO A 502 22.90 -35.21 -12.30
N ILE A 503 22.30 -34.07 -11.98
CA ILE A 503 21.88 -33.82 -10.62
C ILE A 503 20.72 -34.76 -10.33
N ASP A 504 20.65 -35.29 -9.12
CA ASP A 504 19.49 -36.07 -8.73
C ASP A 504 18.68 -35.36 -7.64
N ASP A 505 17.38 -35.28 -7.86
CA ASP A 505 16.50 -34.47 -7.03
C ASP A 505 16.57 -34.79 -5.54
N ASN A 506 17.06 -35.98 -5.19
CA ASN A 506 16.94 -36.46 -3.82
C ASN A 506 18.19 -36.45 -2.96
N LYS A 507 19.34 -36.13 -3.55
CA LYS A 507 20.58 -36.03 -2.79
C LYS A 507 20.72 -34.64 -2.17
N ARG A 508 21.35 -34.58 -1.00
CA ARG A 508 21.59 -33.31 -0.31
C ARG A 508 22.95 -32.73 -0.71
N TYR A 509 22.93 -31.55 -1.32
CA TYR A 509 24.16 -30.88 -1.72
C TYR A 509 24.50 -29.73 -0.80
N LEU A 510 25.79 -29.52 -0.56
CA LEU A 510 26.24 -28.32 0.13
C LEU A 510 26.43 -27.25 -0.93
N VAL A 511 25.63 -26.19 -0.84
CA VAL A 511 25.63 -25.14 -1.85
C VAL A 511 26.20 -23.84 -1.29
N GLY A 512 27.13 -23.26 -2.03
CA GLY A 512 27.69 -21.97 -1.68
C GLY A 512 27.12 -20.86 -2.54
N THR A 513 27.01 -19.66 -1.97
CA THR A 513 26.48 -18.52 -2.71
C THR A 513 26.77 -17.24 -1.92
N ASN A 514 26.29 -16.09 -2.37
CA ASN A 514 26.52 -14.87 -1.59
C ASN A 514 25.32 -14.58 -0.68
N ALA A 515 25.56 -13.85 0.39
CA ALA A 515 24.51 -13.57 1.39
C ALA A 515 23.28 -12.85 0.82
N TYR A 516 23.49 -12.04 -0.22
CA TYR A 516 22.38 -11.32 -0.86
C TYR A 516 21.29 -12.27 -1.40
N VAL A 517 21.64 -13.12 -2.35
CA VAL A 517 20.65 -14.05 -2.85
C VAL A 517 20.26 -15.11 -1.82
N ALA A 518 21.14 -15.36 -0.85
CA ALA A 518 20.84 -16.33 0.21
C ALA A 518 19.63 -15.90 1.02
N GLY A 519 19.37 -14.59 1.07
CA GLY A 519 18.22 -14.07 1.80
C GLY A 519 16.95 -14.05 0.96
N GLY A 520 17.03 -14.49 -0.29
CA GLY A 520 15.88 -14.47 -1.17
C GLY A 520 15.78 -13.26 -2.10
N LYS A 521 16.84 -12.44 -2.17
CA LYS A 521 16.78 -11.25 -3.02
C LYS A 521 16.87 -11.62 -4.50
N ASP A 522 16.55 -10.68 -5.37
CA ASP A 522 16.68 -10.90 -6.81
C ASP A 522 15.84 -12.11 -7.22
N GLY A 523 14.76 -12.34 -6.48
CA GLY A 523 13.79 -13.36 -6.86
C GLY A 523 14.26 -14.80 -6.65
N TYR A 524 15.22 -15.00 -5.77
CA TYR A 524 15.68 -16.35 -5.42
C TYR A 524 14.75 -16.85 -4.32
N LYS A 525 13.51 -17.12 -4.70
CA LYS A 525 12.45 -17.42 -3.74
C LYS A 525 12.83 -18.63 -2.90
N THR A 526 13.34 -19.67 -3.54
CA THR A 526 13.68 -20.88 -2.82
C THR A 526 14.69 -20.58 -1.72
N PHE A 527 15.74 -19.82 -2.06
CA PHE A 527 16.75 -19.49 -1.06
C PHE A 527 16.08 -18.81 0.10
N GLY A 528 15.18 -17.89 -0.21
CA GLY A 528 14.48 -17.12 0.79
C GLY A 528 13.62 -17.95 1.71
N LYS A 529 13.02 -19.01 1.18
CA LYS A 529 12.24 -19.93 1.99
C LYS A 529 13.13 -20.73 2.94
N LEU A 530 14.34 -21.07 2.47
CA LEU A 530 15.31 -21.83 3.25
C LEU A 530 15.93 -21.01 4.38
N PHE A 531 16.01 -19.70 4.17
CA PHE A 531 16.70 -18.81 5.11
C PHE A 531 16.06 -18.89 6.49
N ASN A 532 16.90 -19.03 7.51
CA ASN A 532 16.42 -19.09 8.89
C ASN A 532 15.50 -20.29 9.16
N ASP A 533 15.77 -21.40 8.49
CA ASP A 533 15.05 -22.65 8.70
C ASP A 533 16.08 -23.77 8.86
N PRO A 534 16.39 -24.12 10.13
CA PRO A 534 17.44 -25.06 10.57
C PRO A 534 17.58 -26.28 9.68
N LYS A 535 16.47 -26.72 9.10
CA LYS A 535 16.42 -27.93 8.29
C LYS A 535 17.39 -27.90 7.12
N TYR A 536 17.82 -26.69 6.73
CA TYR A 536 18.71 -26.53 5.60
C TYR A 536 20.10 -26.04 6.00
N GLU A 537 20.33 -25.96 7.31
CA GLU A 537 21.66 -25.69 7.86
C GLU A 537 22.39 -24.52 7.19
N GLY A 538 21.65 -23.44 6.96
CA GLY A 538 22.23 -22.23 6.42
C GLY A 538 23.24 -21.63 7.37
N VAL A 539 24.34 -21.14 6.82
CA VAL A 539 25.44 -20.62 7.62
C VAL A 539 26.04 -19.41 6.94
N ASP A 540 26.19 -18.32 7.70
CA ASP A 540 26.92 -17.17 7.24
C ASP A 540 28.40 -17.43 7.51
N THR A 541 29.19 -17.63 6.46
CA THR A 541 30.61 -17.95 6.62
C THR A 541 31.40 -16.75 7.15
N TYR A 542 30.82 -15.57 6.97
CA TYR A 542 31.49 -14.32 7.32
C TYR A 542 32.71 -14.00 6.44
N LEU A 543 32.95 -14.81 5.41
CA LEU A 543 34.02 -14.50 4.45
C LEU A 543 33.55 -13.41 3.51
N PRO A 544 34.27 -12.28 3.47
CA PRO A 544 33.83 -11.15 2.65
C PRO A 544 34.13 -11.45 1.18
N ASP A 545 33.26 -11.02 0.28
CA ASP A 545 33.35 -11.42 -1.11
C ASP A 545 34.63 -10.96 -1.83
N ALA A 546 34.92 -9.67 -1.78
CA ALA A 546 36.05 -9.11 -2.52
C ALA A 546 37.39 -9.51 -1.89
N GLU A 547 37.44 -9.51 -0.57
CA GLU A 547 38.62 -9.93 0.16
C GLU A 547 39.00 -11.37 -0.21
N SER A 548 37.99 -12.24 -0.24
CA SER A 548 38.15 -13.63 -0.64
C SER A 548 38.66 -13.79 -2.07
N PHE A 549 38.19 -12.92 -2.97
CA PHE A 549 38.63 -12.91 -4.36
C PHE A 549 40.10 -12.47 -4.48
N ILE A 550 40.47 -11.46 -3.71
CA ILE A 550 41.84 -10.98 -3.71
C ILE A 550 42.76 -12.08 -3.20
N LYS A 551 42.35 -12.76 -2.14
CA LYS A 551 43.09 -13.90 -1.63
C LYS A 551 43.23 -14.98 -2.71
N PHE A 552 42.14 -15.27 -3.42
CA PHE A 552 42.18 -16.26 -4.49
C PHE A 552 43.25 -15.90 -5.52
N MET A 553 43.25 -14.64 -5.97
CA MET A 553 44.17 -14.20 -7.00
C MET A 553 45.61 -14.29 -6.51
N LYS A 554 45.84 -13.96 -5.24
CA LYS A 554 47.20 -14.00 -4.71
C LYS A 554 47.71 -15.44 -4.66
N LYS A 555 46.78 -16.38 -4.48
CA LYS A 555 47.14 -17.80 -4.39
C LYS A 555 47.08 -18.52 -5.74
N HIS A 556 46.71 -17.81 -6.80
CA HIS A 556 46.67 -18.38 -8.15
C HIS A 556 47.41 -17.53 -9.18
N PRO A 557 48.73 -17.47 -9.08
CA PRO A 557 49.54 -16.74 -10.05
C PRO A 557 49.18 -17.15 -11.49
N HIS A 558 49.08 -16.19 -12.39
CA HIS A 558 48.78 -16.46 -13.80
C HIS A 558 47.61 -17.42 -13.96
N PHE A 559 46.44 -16.98 -13.52
CA PHE A 559 45.25 -17.80 -13.61
C PHE A 559 44.72 -17.78 -15.04
N GLU A 560 44.50 -18.95 -15.62
CA GLU A 560 43.98 -19.00 -17.00
C GLU A 560 42.47 -18.71 -17.05
N ALA A 561 42.11 -17.66 -17.79
CA ALA A 561 40.69 -17.29 -17.93
C ALA A 561 39.85 -18.45 -18.46
N TYR A 562 38.61 -18.56 -17.97
CA TYR A 562 37.62 -19.48 -18.52
C TYR A 562 37.14 -19.00 -19.88
N THR A 563 36.66 -19.93 -20.71
CA THR A 563 36.12 -19.57 -22.02
C THR A 563 34.67 -20.01 -22.18
N SER A 564 34.08 -20.54 -21.12
CA SER A 564 32.66 -20.87 -21.11
C SER A 564 32.07 -20.59 -19.75
N SER A 565 30.74 -20.57 -19.65
CA SER A 565 30.08 -20.06 -18.44
C SER A 565 29.31 -21.10 -17.65
N ASN A 566 29.40 -22.36 -18.05
CA ASN A 566 28.61 -23.42 -17.44
C ASN A 566 27.10 -23.24 -17.61
N VAL A 567 26.69 -22.42 -18.58
CA VAL A 567 25.27 -22.24 -18.88
C VAL A 567 25.04 -22.29 -20.38
N LYS A 568 24.12 -23.16 -20.80
CA LYS A 568 23.68 -23.20 -22.19
C LYS A 568 22.24 -22.67 -22.25
N PHE A 569 22.08 -21.44 -22.74
CA PHE A 569 20.77 -20.78 -22.72
C PHE A 569 20.27 -20.53 -24.13
N ASN A 570 19.15 -21.16 -24.45
CA ASN A 570 18.59 -21.06 -25.81
C ASN A 570 17.62 -19.88 -25.96
N LYS B 9 3.05 17.47 27.89
CA LYS B 9 2.01 17.35 28.91
C LYS B 9 1.23 16.04 28.78
N ALA B 10 0.99 15.39 29.92
CA ALA B 10 0.07 14.28 29.97
C ALA B 10 -1.35 14.82 29.93
N VAL B 11 -2.25 14.10 29.24
CA VAL B 11 -3.65 14.54 29.21
C VAL B 11 -4.60 13.36 29.34
N GLU B 12 -5.80 13.65 29.84
CA GLU B 12 -6.83 12.62 29.95
C GLU B 12 -8.01 12.89 29.02
N LEU B 13 -8.41 11.87 28.26
CA LEU B 13 -9.48 12.00 27.27
C LEU B 13 -10.64 11.07 27.65
N SER B 14 -11.86 11.50 27.39
CA SER B 14 -13.04 10.68 27.66
C SER B 14 -13.80 10.41 26.37
N ILE B 15 -13.57 9.25 25.80
CA ILE B 15 -14.17 8.93 24.52
C ILE B 15 -15.54 8.31 24.73
N LEU B 16 -16.52 8.82 23.99
CA LEU B 16 -17.90 8.34 24.02
C LEU B 16 -18.32 8.11 22.57
N HIS B 17 -18.75 6.89 22.24
CA HIS B 17 -18.93 6.54 20.85
C HIS B 17 -20.09 5.60 20.59
N ILE B 18 -20.68 5.72 19.40
CA ILE B 18 -21.62 4.75 18.89
C ILE B 18 -21.24 4.47 17.45
N ASN B 19 -21.90 3.50 16.84
CA ASN B 19 -21.60 3.16 15.46
C ASN B 19 -22.76 2.39 14.90
N ASP B 20 -22.94 2.45 13.59
CA ASP B 20 -23.89 1.61 12.88
C ASP B 20 -25.29 1.67 13.48
N HIS B 21 -25.78 2.87 13.76
CA HIS B 21 -27.14 2.97 14.28
C HIS B 21 -28.16 2.65 13.18
N HIS B 22 -27.75 2.78 11.91
CA HIS B 22 -28.57 2.30 10.80
C HIS B 22 -30.03 2.74 10.88
N SER B 23 -30.25 4.03 11.12
CA SER B 23 -31.62 4.59 11.13
C SER B 23 -32.55 3.97 12.20
N TYR B 24 -31.95 3.34 13.22
CA TYR B 24 -32.75 2.86 14.35
C TYR B 24 -33.08 3.97 15.34
N LEU B 25 -34.12 4.76 15.05
CA LEU B 25 -34.47 5.85 15.97
C LEU B 25 -35.21 5.34 17.21
N GLU B 26 -35.96 4.26 17.02
CA GLU B 26 -36.77 3.60 18.04
C GLU B 26 -35.97 2.52 18.76
N PRO B 27 -36.35 2.20 20.01
CA PRO B 27 -35.75 1.01 20.64
C PRO B 27 -36.17 -0.23 19.86
N HIS B 28 -35.46 -1.34 20.04
CA HIS B 28 -35.89 -2.57 19.42
C HIS B 28 -35.81 -3.70 20.45
N GLU B 29 -36.46 -4.80 20.14
CA GLU B 29 -36.54 -5.91 21.07
C GLU B 29 -35.33 -6.83 20.95
N THR B 30 -34.89 -7.34 22.09
CA THR B 30 -33.90 -8.41 22.10
C THR B 30 -34.17 -9.40 23.23
N ARG B 31 -33.45 -10.51 23.22
CA ARG B 31 -33.63 -11.56 24.22
C ARG B 31 -32.38 -11.69 25.06
N ILE B 32 -32.53 -11.66 26.38
CA ILE B 32 -31.39 -11.86 27.28
C ILE B 32 -31.67 -13.00 28.27
N ASN B 33 -30.64 -13.44 28.98
CA ASN B 33 -30.80 -14.45 30.01
C ASN B 33 -30.74 -13.76 31.37
N LEU B 34 -31.90 -13.51 31.95
CA LEU B 34 -31.99 -12.71 33.16
C LEU B 34 -32.51 -13.57 34.30
N ASN B 35 -31.67 -13.74 35.34
CA ASN B 35 -31.98 -14.63 36.44
C ASN B 35 -32.34 -16.04 35.96
N GLY B 36 -31.62 -16.50 34.94
CA GLY B 36 -31.74 -17.88 34.48
C GLY B 36 -32.85 -18.10 33.47
N GLN B 37 -33.61 -17.04 33.16
CA GLN B 37 -34.75 -17.17 32.28
C GLN B 37 -34.63 -16.33 31.03
N GLN B 38 -35.05 -16.90 29.93
CA GLN B 38 -35.04 -16.23 28.64
C GLN B 38 -36.04 -15.09 28.71
N THR B 39 -35.55 -13.85 28.59
CA THR B 39 -36.37 -12.67 28.80
C THR B 39 -36.29 -11.70 27.61
N LYS B 40 -37.45 -11.29 27.10
CA LYS B 40 -37.48 -10.26 26.05
C LYS B 40 -37.56 -8.88 26.69
N VAL B 41 -36.72 -7.98 26.21
CA VAL B 41 -36.58 -6.63 26.72
C VAL B 41 -36.44 -5.66 25.54
N ASP B 42 -36.66 -4.37 25.76
CA ASP B 42 -36.42 -3.38 24.72
C ASP B 42 -35.06 -2.68 24.95
N ILE B 43 -34.29 -2.48 23.89
CA ILE B 43 -33.02 -1.78 23.98
C ILE B 43 -32.89 -0.66 22.94
N GLY B 44 -32.10 0.35 23.27
CA GLY B 44 -31.63 1.30 22.27
C GLY B 44 -32.59 2.43 21.97
N GLY B 45 -32.52 2.94 20.74
CA GLY B 45 -33.30 4.10 20.37
C GLY B 45 -32.45 5.33 20.60
N PHE B 46 -32.63 6.35 19.76
CA PHE B 46 -31.72 7.48 19.79
C PHE B 46 -32.04 8.48 20.89
N SER B 47 -33.25 8.42 21.43
CA SER B 47 -33.50 9.24 22.61
C SER B 47 -32.58 8.80 23.74
N ALA B 48 -32.51 7.49 23.97
CA ALA B 48 -31.65 6.97 25.02
C ALA B 48 -30.19 7.26 24.70
N VAL B 49 -29.80 7.15 23.43
CA VAL B 49 -28.40 7.43 23.06
C VAL B 49 -28.01 8.87 23.43
N ASN B 50 -28.80 9.84 22.99
CA ASN B 50 -28.48 11.25 23.24
C ASN B 50 -28.53 11.61 24.70
N ALA B 51 -29.47 11.02 25.43
CA ALA B 51 -29.57 11.27 26.85
C ALA B 51 -28.31 10.79 27.57
N LYS B 52 -27.85 9.59 27.24
CA LYS B 52 -26.67 9.03 27.90
C LYS B 52 -25.41 9.83 27.54
N LEU B 53 -25.28 10.20 26.27
CA LEU B 53 -24.19 11.06 25.84
C LEU B 53 -24.16 12.42 26.58
N ASN B 54 -25.32 13.08 26.67
CA ASN B 54 -25.40 14.37 27.38
C ASN B 54 -24.98 14.23 28.84
N LYS B 55 -25.46 13.18 29.49
CA LYS B 55 -25.15 12.97 30.90
C LYS B 55 -23.68 12.64 31.11
N LEU B 56 -23.17 11.71 30.31
CA LEU B 56 -21.77 11.28 30.48
C LEU B 56 -20.79 12.41 30.19
N ARG B 57 -21.06 13.21 29.16
CA ARG B 57 -20.13 14.25 28.77
C ARG B 57 -20.12 15.36 29.82
N LYS B 58 -21.23 15.50 30.55
CA LYS B 58 -21.31 16.47 31.63
C LYS B 58 -20.47 16.00 32.80
N LYS B 59 -20.46 14.69 33.00
CA LYS B 59 -19.76 14.10 34.13
C LYS B 59 -18.25 14.05 33.96
N TYR B 60 -17.79 13.71 32.75
CA TYR B 60 -16.38 13.41 32.53
C TYR B 60 -15.56 14.62 32.08
N LYS B 61 -14.25 14.54 32.28
CA LYS B 61 -13.35 15.58 31.79
C LYS B 61 -12.92 15.30 30.35
N ASN B 62 -12.90 16.36 29.54
CA ASN B 62 -12.41 16.29 28.16
C ASN B 62 -13.15 15.25 27.30
N PRO B 63 -14.48 15.34 27.22
CA PRO B 63 -15.23 14.35 26.42
C PRO B 63 -14.99 14.51 24.91
N LEU B 64 -14.86 13.38 24.21
CA LEU B 64 -14.81 13.36 22.75
C LEU B 64 -15.94 12.44 22.25
N VAL B 65 -16.91 13.01 21.56
CA VAL B 65 -18.12 12.29 21.19
C VAL B 65 -18.11 11.92 19.72
N LEU B 66 -18.21 10.64 19.43
CA LEU B 66 -17.90 10.11 18.10
C LEU B 66 -18.94 9.16 17.54
N HIS B 67 -19.18 9.25 16.22
CA HIS B 67 -20.03 8.30 15.52
C HIS B 67 -19.19 7.59 14.47
N ALA B 68 -19.09 6.27 14.55
CA ALA B 68 -18.18 5.51 13.70
C ALA B 68 -18.75 5.00 12.37
N GLY B 69 -19.86 5.58 11.91
CA GLY B 69 -20.32 5.33 10.55
C GLY B 69 -21.55 4.47 10.41
N ASP B 70 -22.11 4.41 9.21
CA ASP B 70 -23.41 3.75 8.96
C ASP B 70 -24.53 4.36 9.80
N ALA B 71 -24.69 5.66 9.70
CA ALA B 71 -25.81 6.33 10.33
C ALA B 71 -27.09 5.88 9.66
N ILE B 72 -27.04 5.64 8.34
CA ILE B 72 -28.24 5.48 7.53
C ILE B 72 -28.50 4.10 6.95
N THR B 73 -29.76 3.88 6.54
CA THR B 73 -30.29 2.63 5.97
C THR B 73 -30.53 1.58 7.04
N GLY B 74 -31.67 0.90 6.98
CA GLY B 74 -31.95 -0.18 7.93
C GLY B 74 -33.40 -0.25 8.36
N THR B 75 -34.08 0.90 8.39
CA THR B 75 -35.46 1.00 8.85
C THR B 75 -36.27 1.94 7.94
N LEU B 76 -37.57 2.05 8.21
CA LEU B 76 -38.43 2.97 7.46
C LEU B 76 -38.06 4.43 7.67
N TYR B 77 -37.39 4.72 8.78
CA TYR B 77 -36.94 6.10 8.99
C TYR B 77 -36.00 6.56 7.87
N PHE B 78 -35.31 5.61 7.25
CA PHE B 78 -34.47 5.97 6.10
C PHE B 78 -35.24 5.94 4.80
N THR B 79 -35.99 4.87 4.59
CA THR B 79 -36.78 4.68 3.39
C THR B 79 -37.68 5.88 3.13
N LEU B 80 -38.20 6.48 4.21
CA LEU B 80 -39.23 7.52 4.07
C LEU B 80 -38.67 8.92 4.18
N PHE B 81 -37.51 9.07 4.83
CA PHE B 81 -36.96 10.41 5.05
C PHE B 81 -35.60 10.58 4.40
N GLY B 82 -35.05 9.47 3.92
CA GLY B 82 -33.83 9.52 3.14
C GLY B 82 -32.65 10.13 3.87
N GLY B 83 -32.67 10.10 5.20
CA GLY B 83 -31.52 10.52 5.98
C GLY B 83 -31.71 11.79 6.77
N SER B 84 -32.79 12.51 6.51
CA SER B 84 -33.02 13.74 7.26
C SER B 84 -33.39 13.46 8.72
N ALA B 85 -34.12 12.37 8.99
CA ALA B 85 -34.42 12.02 10.36
C ALA B 85 -33.11 11.72 11.11
N ASP B 86 -32.25 10.93 10.46
CA ASP B 86 -30.94 10.63 11.05
C ASP B 86 -30.07 11.88 11.34
N ALA B 87 -29.89 12.76 10.36
CA ALA B 87 -29.18 14.02 10.60
C ALA B 87 -29.74 14.79 11.81
N ALA B 88 -31.07 14.86 11.90
CA ALA B 88 -31.71 15.61 12.99
C ALA B 88 -31.37 15.06 14.37
N VAL B 89 -31.47 13.75 14.57
CA VAL B 89 -31.18 13.19 15.88
C VAL B 89 -29.67 13.19 16.17
N MET B 90 -28.85 13.05 15.14
CA MET B 90 -27.42 13.18 15.31
C MET B 90 -27.04 14.61 15.71
N ASN B 91 -27.61 15.61 15.01
CA ASN B 91 -27.36 17.00 15.39
C ASN B 91 -27.73 17.23 16.85
N ALA B 92 -28.83 16.63 17.31
CA ALA B 92 -29.28 16.78 18.70
C ALA B 92 -28.31 16.18 19.70
N GLY B 93 -27.51 15.21 19.25
CA GLY B 93 -26.54 14.59 20.13
C GLY B 93 -25.24 15.36 20.22
N ASN B 94 -25.06 16.36 19.37
CA ASN B 94 -23.84 17.17 19.41
C ASN B 94 -22.56 16.31 19.36
N PHE B 95 -22.49 15.41 18.38
CA PHE B 95 -21.27 14.63 18.16
C PHE B 95 -20.15 15.55 17.72
N HIS B 96 -18.92 15.26 18.17
CA HIS B 96 -17.74 15.97 17.70
C HIS B 96 -17.35 15.57 16.28
N TYR B 97 -17.46 14.29 15.97
CA TYR B 97 -17.07 13.79 14.65
C TYR B 97 -17.88 12.60 14.20
N PHE B 98 -18.07 12.51 12.88
CA PHE B 98 -18.74 11.40 12.19
C PHE B 98 -17.82 10.95 11.07
N THR B 99 -17.70 9.64 10.89
CA THR B 99 -16.98 9.10 9.74
C THR B 99 -17.93 8.36 8.83
N LEU B 100 -17.61 8.28 7.54
CA LEU B 100 -18.49 7.63 6.58
C LEU B 100 -18.32 6.12 6.66
N GLY B 101 -19.42 5.39 6.65
CA GLY B 101 -19.37 3.94 6.52
C GLY B 101 -19.69 3.51 5.10
N ASN B 102 -20.00 2.23 4.91
CA ASN B 102 -20.34 1.73 3.59
C ASN B 102 -21.77 2.08 3.12
N HIS B 103 -22.74 2.01 4.02
CA HIS B 103 -24.13 2.25 3.63
C HIS B 103 -24.45 3.71 3.34
N GLU B 104 -23.59 4.61 3.77
CA GLU B 104 -23.71 6.02 3.40
C GLU B 104 -23.83 6.21 1.88
N PHE B 105 -23.32 5.26 1.09
CA PHE B 105 -23.39 5.33 -0.36
C PHE B 105 -24.48 4.49 -1.02
N ASP B 106 -25.34 3.86 -0.22
CA ASP B 106 -26.34 2.93 -0.75
C ASP B 106 -27.30 3.56 -1.75
N ALA B 107 -27.47 4.87 -1.66
CA ALA B 107 -28.31 5.59 -2.64
C ALA B 107 -27.45 6.54 -3.44
N GLY B 108 -26.19 6.19 -3.65
CA GLY B 108 -25.34 6.97 -4.53
C GLY B 108 -24.90 8.29 -3.92
N ASN B 109 -24.17 9.08 -4.69
CA ASN B 109 -23.70 10.36 -4.22
C ASN B 109 -24.86 11.29 -3.83
N GLU B 110 -25.93 11.31 -4.63
CA GLU B 110 -27.05 12.21 -4.34
C GLU B 110 -27.67 11.88 -3.00
N GLY B 111 -27.81 10.59 -2.69
CA GLY B 111 -28.38 10.17 -1.42
C GLY B 111 -27.53 10.55 -0.21
N LEU B 112 -26.20 10.49 -0.34
CA LEU B 112 -25.34 10.88 0.77
C LEU B 112 -25.51 12.35 1.06
N LEU B 113 -25.66 13.13 0.00
CA LEU B 113 -25.86 14.57 0.11
C LEU B 113 -27.14 14.88 0.91
N LYS B 114 -28.17 14.05 0.77
CA LYS B 114 -29.38 14.26 1.58
C LYS B 114 -29.10 14.06 3.06
N LEU B 115 -28.11 13.24 3.39
CA LEU B 115 -27.68 13.16 4.78
C LEU B 115 -26.78 14.35 5.12
N LEU B 116 -25.76 14.58 4.30
CA LEU B 116 -24.75 15.58 4.66
C LEU B 116 -25.25 17.02 4.72
N GLU B 117 -26.22 17.39 3.89
CA GLU B 117 -26.70 18.78 3.91
C GLU B 117 -27.22 19.23 5.29
N PRO B 118 -28.24 18.53 5.84
CA PRO B 118 -28.75 18.91 7.16
C PRO B 118 -27.80 18.59 8.30
N LEU B 119 -26.84 17.69 8.09
CA LEU B 119 -25.93 17.29 9.16
C LEU B 119 -24.98 18.42 9.57
N LYS B 120 -24.91 18.72 10.86
CA LYS B 120 -23.99 19.75 11.37
C LYS B 120 -22.73 19.18 12.02
N ILE B 121 -22.64 17.86 12.10
CA ILE B 121 -21.46 17.22 12.72
C ILE B 121 -20.31 17.18 11.73
N PRO B 122 -19.11 17.63 12.13
CA PRO B 122 -17.98 17.50 11.20
C PRO B 122 -17.75 16.05 10.72
N VAL B 123 -17.53 15.88 9.42
CA VAL B 123 -17.36 14.58 8.83
C VAL B 123 -15.90 14.31 8.44
N LEU B 124 -15.43 13.10 8.74
CA LEU B 124 -14.05 12.71 8.48
C LEU B 124 -13.95 11.44 7.63
N SER B 125 -13.05 11.44 6.64
CA SER B 125 -12.74 10.21 5.91
C SER B 125 -11.51 10.41 5.05
N ALA B 126 -10.43 9.72 5.39
CA ALA B 126 -9.13 9.97 4.76
C ALA B 126 -8.91 9.17 3.49
N ASN B 127 -9.63 8.05 3.36
CA ASN B 127 -9.37 7.15 2.23
C ASN B 127 -10.46 7.16 1.19
N VAL B 128 -11.42 8.06 1.34
CA VAL B 128 -12.48 8.25 0.33
C VAL B 128 -12.39 9.70 -0.14
N ILE B 129 -12.02 9.88 -1.41
CA ILE B 129 -11.59 11.19 -1.89
C ILE B 129 -12.30 11.57 -3.19
N PRO B 130 -13.20 12.56 -3.14
CA PRO B 130 -13.94 12.94 -4.35
C PRO B 130 -13.16 13.84 -5.29
N ASP B 131 -13.34 13.64 -6.60
CA ASP B 131 -12.79 14.58 -7.58
C ASP B 131 -13.47 15.96 -7.46
N LYS B 132 -12.77 16.99 -7.94
CA LYS B 132 -13.27 18.36 -7.90
C LYS B 132 -14.71 18.55 -8.38
N SER B 133 -15.09 17.86 -9.45
CA SER B 133 -16.41 18.02 -10.03
C SER B 133 -17.45 17.07 -9.42
N SER B 134 -17.08 16.37 -8.35
CA SER B 134 -18.03 15.54 -7.62
C SER B 134 -18.98 16.42 -6.83
N ILE B 135 -20.24 16.02 -6.73
CA ILE B 135 -21.20 16.75 -5.92
C ILE B 135 -20.82 16.59 -4.44
N LEU B 136 -19.91 15.64 -4.17
CA LEU B 136 -19.42 15.44 -2.80
C LEU B 136 -18.12 16.18 -2.47
N TYR B 137 -17.61 16.98 -3.41
CA TYR B 137 -16.35 17.68 -3.17
C TYR B 137 -16.44 18.64 -1.98
N ASN B 138 -15.41 18.62 -1.14
CA ASN B 138 -15.33 19.46 0.05
C ASN B 138 -16.50 19.31 1.02
N LYS B 139 -17.00 18.09 1.17
CA LYS B 139 -18.07 17.83 2.14
C LYS B 139 -17.51 17.17 3.39
N TRP B 140 -16.22 16.81 3.35
CA TRP B 140 -15.55 16.23 4.52
C TRP B 140 -14.04 16.40 4.42
N LYS B 141 -13.34 16.17 5.54
CA LYS B 141 -11.89 16.29 5.61
C LYS B 141 -11.26 14.96 6.01
N PRO B 142 -9.97 14.78 5.69
CA PRO B 142 -9.34 13.50 6.02
C PRO B 142 -9.05 13.35 7.50
N TYR B 143 -8.86 14.48 8.19
CA TYR B 143 -8.48 14.46 9.60
C TYR B 143 -8.80 15.81 10.24
N ASP B 144 -8.75 15.86 11.56
CA ASP B 144 -8.84 17.14 12.28
C ASP B 144 -7.86 17.10 13.43
N ILE B 145 -7.50 18.27 13.94
CA ILE B 145 -6.61 18.38 15.09
C ILE B 145 -7.33 19.24 16.12
N PHE B 146 -7.36 18.76 17.36
CA PHE B 146 -7.98 19.56 18.41
C PHE B 146 -7.06 19.66 19.62
N THR B 147 -7.20 20.75 20.36
CA THR B 147 -6.34 21.01 21.50
C THR B 147 -7.02 20.67 22.82
N VAL B 148 -6.31 19.92 23.66
CA VAL B 148 -6.83 19.58 24.98
C VAL B 148 -5.78 19.96 25.99
N ASP B 149 -6.12 20.85 26.90
CA ASP B 149 -5.20 21.28 27.95
C ASP B 149 -3.82 21.61 27.39
N GLY B 150 -3.79 22.22 26.21
CA GLY B 150 -2.53 22.57 25.58
C GLY B 150 -1.98 21.58 24.56
N GLU B 151 -2.30 20.31 24.71
CA GLU B 151 -1.78 19.26 23.82
C GLU B 151 -2.60 19.14 22.54
N LYS B 152 -1.93 18.90 21.42
CA LYS B 152 -2.62 18.60 20.18
C LYS B 152 -3.00 17.12 20.12
N ILE B 153 -4.21 16.84 19.65
CA ILE B 153 -4.65 15.47 19.42
C ILE B 153 -5.25 15.39 18.05
N ALA B 154 -4.89 14.35 17.31
CA ALA B 154 -5.40 14.22 15.96
C ALA B 154 -6.41 13.09 15.87
N ILE B 155 -7.39 13.28 14.99
CA ILE B 155 -8.35 12.25 14.69
C ILE B 155 -8.45 12.12 13.18
N ILE B 156 -8.35 10.88 12.71
CA ILE B 156 -8.36 10.50 11.31
C ILE B 156 -9.59 9.66 11.01
N GLY B 157 -10.29 9.94 9.91
CA GLY B 157 -11.42 9.11 9.52
C GLY B 157 -11.07 8.07 8.48
N LEU B 158 -11.79 6.95 8.47
CA LEU B 158 -11.47 5.87 7.54
C LEU B 158 -12.68 5.03 7.24
N ASP B 159 -12.79 4.55 6.00
CA ASP B 159 -13.93 3.74 5.56
C ASP B 159 -13.44 2.39 5.04
N THR B 160 -14.35 1.42 5.02
CA THR B 160 -14.07 0.12 4.44
C THR B 160 -14.10 0.30 2.93
N VAL B 161 -13.23 -0.39 2.22
CA VAL B 161 -13.12 -0.13 0.78
C VAL B 161 -13.89 -1.09 -0.13
N ASN B 162 -13.50 -2.36 -0.13
CA ASN B 162 -14.08 -3.28 -1.11
C ASN B 162 -15.59 -3.41 -0.96
N LYS B 163 -16.05 -3.49 0.28
CA LYS B 163 -17.48 -3.60 0.60
C LYS B 163 -18.31 -2.41 0.05
N THR B 164 -17.79 -1.21 0.21
CA THR B 164 -18.46 -0.01 -0.27
C THR B 164 -18.47 0.04 -1.81
N VAL B 165 -17.30 -0.19 -2.41
CA VAL B 165 -17.18 -0.15 -3.86
C VAL B 165 -17.98 -1.27 -4.52
N ASN B 166 -17.97 -2.46 -3.93
CA ASN B 166 -18.64 -3.60 -4.55
C ASN B 166 -20.12 -3.77 -4.23
N SER B 167 -20.55 -3.31 -3.06
CA SER B 167 -21.90 -3.59 -2.59
C SER B 167 -22.74 -2.36 -2.34
N SER B 168 -22.12 -1.18 -2.42
CA SER B 168 -22.86 0.07 -2.33
C SER B 168 -22.73 0.83 -3.66
N SER B 169 -23.04 2.13 -3.68
CA SER B 169 -23.06 2.87 -4.95
C SER B 169 -22.30 4.20 -4.95
N PRO B 170 -21.05 4.19 -4.48
CA PRO B 170 -20.29 5.45 -4.57
C PRO B 170 -20.12 5.87 -6.03
N GLY B 171 -20.16 7.16 -6.32
CA GLY B 171 -20.01 7.68 -7.67
C GLY B 171 -18.65 7.28 -8.23
N LYS B 172 -18.52 7.24 -9.55
CA LYS B 172 -17.23 6.99 -10.19
C LYS B 172 -16.23 8.13 -9.93
N ASP B 173 -16.73 9.27 -9.49
CA ASP B 173 -15.87 10.41 -9.19
C ASP B 173 -15.41 10.42 -7.72
N VAL B 174 -15.61 9.31 -7.04
CA VAL B 174 -15.15 9.14 -5.66
C VAL B 174 -14.14 8.01 -5.64
N LYS B 175 -12.90 8.33 -5.28
CA LYS B 175 -11.80 7.36 -5.29
C LYS B 175 -11.49 6.82 -3.89
N PHE B 176 -11.24 5.52 -3.82
CA PHE B 176 -11.05 4.84 -2.55
C PHE B 176 -9.60 4.37 -2.45
N TYR B 177 -9.00 4.52 -1.26
CA TYR B 177 -7.61 4.08 -1.04
C TYR B 177 -7.49 3.02 0.05
N ASP B 178 -6.41 2.23 -0.02
CA ASP B 178 -6.21 1.11 0.90
C ASP B 178 -6.26 1.55 2.38
N GLU B 179 -6.98 0.80 3.19
CA GLU B 179 -7.16 1.15 4.60
C GLU B 179 -5.84 1.22 5.38
N ILE B 180 -5.05 0.15 5.33
CA ILE B 180 -3.80 0.08 6.08
C ILE B 180 -2.83 1.17 5.64
N ALA B 181 -2.61 1.28 4.32
CA ALA B 181 -1.69 2.28 3.79
C ALA B 181 -2.14 3.68 4.20
N THR B 182 -3.41 3.99 4.00
CA THR B 182 -3.93 5.29 4.39
C THR B 182 -3.73 5.58 5.88
N ALA B 183 -3.97 4.59 6.73
CA ALA B 183 -3.82 4.82 8.16
C ALA B 183 -2.35 5.16 8.53
N GLN B 184 -1.40 4.37 8.04
CA GLN B 184 0.01 4.61 8.33
C GLN B 184 0.49 5.94 7.75
N ILE B 185 0.14 6.20 6.51
CA ILE B 185 0.62 7.43 5.84
C ILE B 185 0.09 8.69 6.53
N MET B 186 -1.21 8.70 6.82
CA MET B 186 -1.82 9.78 7.62
C MET B 186 -1.14 9.97 8.99
N ALA B 187 -1.06 8.89 9.77
CA ALA B 187 -0.41 8.99 11.09
C ALA B 187 1.07 9.43 10.98
N ASN B 188 1.77 8.92 9.99
CA ASN B 188 3.18 9.29 9.78
C ASN B 188 3.33 10.78 9.52
N ALA B 189 2.43 11.32 8.69
CA ALA B 189 2.48 12.73 8.34
C ALA B 189 2.16 13.67 9.51
N LEU B 190 1.32 13.20 10.44
CA LEU B 190 0.91 14.05 11.56
C LEU B 190 1.99 14.24 12.61
N LYS B 191 2.95 13.32 12.68
CA LYS B 191 4.03 13.37 13.66
C LYS B 191 4.80 14.70 13.70
N GLN B 192 5.08 15.27 12.51
CA GLN B 192 5.96 16.42 12.46
C GLN B 192 5.22 17.72 12.76
N GLN B 193 3.90 17.62 12.96
CA GLN B 193 3.14 18.74 13.44
C GLN B 193 3.12 18.73 14.96
N GLY B 194 3.95 17.86 15.54
CA GLY B 194 4.11 17.81 16.97
C GLY B 194 3.01 17.01 17.65
N ILE B 195 2.60 15.93 17.00
CA ILE B 195 1.50 15.12 17.51
C ILE B 195 1.94 13.69 17.82
N ASN B 196 1.69 13.26 19.05
CA ASN B 196 1.96 11.88 19.44
C ASN B 196 0.73 11.21 20.07
N LYS B 197 -0.43 11.85 19.90
CA LYS B 197 -1.72 11.31 20.34
C LYS B 197 -2.69 11.25 19.16
N ILE B 198 -2.99 10.04 18.69
CA ILE B 198 -3.76 9.92 17.46
C ILE B 198 -4.92 8.95 17.58
N ILE B 199 -6.12 9.41 17.22
CA ILE B 199 -7.34 8.59 17.25
C ILE B 199 -7.74 8.27 15.82
N LEU B 200 -8.06 7.00 15.57
CA LEU B 200 -8.52 6.55 14.26
C LEU B 200 -10.00 6.18 14.36
N LEU B 201 -10.84 6.96 13.66
CA LEU B 201 -12.28 6.71 13.62
C LEU B 201 -12.58 5.95 12.34
N SER B 202 -12.79 4.63 12.46
CA SER B 202 -12.70 3.74 11.31
C SER B 202 -13.86 2.80 11.12
N HIS B 203 -14.53 2.92 9.97
CA HIS B 203 -15.58 1.97 9.59
C HIS B 203 -14.99 0.82 8.76
N ALA B 204 -13.74 0.47 9.03
CA ALA B 204 -13.09 -0.58 8.26
C ALA B 204 -13.47 -1.95 8.80
N GLY B 205 -14.12 -1.95 9.97
CA GLY B 205 -14.53 -3.20 10.60
C GLY B 205 -13.50 -3.67 11.62
N SER B 206 -13.94 -4.48 12.59
CA SER B 206 -13.04 -4.95 13.64
C SER B 206 -11.87 -5.72 13.09
N GLU B 207 -12.11 -6.62 12.14
CA GLU B 207 -11.05 -7.44 11.57
C GLU B 207 -9.92 -6.59 10.98
N LYS B 208 -10.27 -5.63 10.14
CA LYS B 208 -9.28 -4.76 9.53
C LYS B 208 -8.66 -3.82 10.55
N ASN B 209 -9.46 -3.28 11.47
CA ASN B 209 -8.92 -2.37 12.47
C ASN B 209 -7.98 -3.08 13.44
N ILE B 210 -8.23 -4.37 13.67
CA ILE B 210 -7.36 -5.18 14.52
C ILE B 210 -6.02 -5.43 13.79
N GLU B 211 -6.08 -5.67 12.48
CA GLU B 211 -4.89 -5.79 11.65
C GLU B 211 -4.09 -4.47 11.63
N ILE B 212 -4.80 -3.34 11.49
CA ILE B 212 -4.16 -2.03 11.55
C ILE B 212 -3.41 -1.82 12.88
N ALA B 213 -4.03 -2.21 14.00
CA ALA B 213 -3.45 -2.03 15.33
C ALA B 213 -2.13 -2.77 15.48
N GLN B 214 -1.99 -3.89 14.80
CA GLN B 214 -0.79 -4.73 14.94
C GLN B 214 0.23 -4.42 13.86
N LYS B 215 -0.17 -3.71 12.80
CA LYS B 215 0.72 -3.48 11.66
C LYS B 215 1.10 -2.02 11.42
N VAL B 216 0.40 -1.10 12.07
CA VAL B 216 0.60 0.33 11.85
C VAL B 216 1.02 1.01 13.15
N ASN B 217 1.98 1.94 13.05
CA ASN B 217 2.50 2.66 14.22
C ASN B 217 1.85 4.02 14.42
N ASP B 218 1.99 4.58 15.62
CA ASP B 218 1.63 5.97 15.87
C ASP B 218 0.13 6.19 16.07
N ILE B 219 -0.65 5.10 16.06
CA ILE B 219 -2.09 5.18 16.31
C ILE B 219 -2.47 4.53 17.65
N ASP B 220 -3.10 5.31 18.53
CA ASP B 220 -3.34 4.91 19.92
C ASP B 220 -4.69 4.26 20.19
N VAL B 221 -5.74 4.79 19.57
CA VAL B 221 -7.10 4.28 19.79
C VAL B 221 -7.81 4.12 18.44
N ILE B 222 -8.46 2.98 18.23
CA ILE B 222 -9.22 2.75 17.02
C ILE B 222 -10.68 2.49 17.36
N VAL B 223 -11.48 3.53 17.18
CA VAL B 223 -12.91 3.49 17.42
C VAL B 223 -13.57 2.90 16.17
N THR B 224 -14.31 1.81 16.37
CA THR B 224 -14.66 0.93 15.25
C THR B 224 -16.15 0.94 14.87
N GLY B 225 -16.40 0.75 13.58
CA GLY B 225 -17.74 0.46 13.07
C GLY B 225 -17.63 -0.57 11.96
N ASP B 226 -18.78 -1.06 11.52
CA ASP B 226 -18.97 -1.98 10.37
C ASP B 226 -19.24 -3.43 10.71
N SER B 227 -18.63 -3.92 11.79
CA SER B 227 -18.82 -5.33 12.11
C SER B 227 -20.01 -5.58 13.04
N HIS B 228 -20.51 -4.53 13.68
CA HIS B 228 -21.64 -4.64 14.60
C HIS B 228 -21.34 -5.57 15.77
N TYR B 229 -20.08 -5.64 16.19
CA TYR B 229 -19.70 -6.48 17.32
C TYR B 229 -19.96 -5.83 18.66
N LEU B 230 -20.59 -6.58 19.55
CA LEU B 230 -20.65 -6.19 20.95
C LEU B 230 -19.30 -6.47 21.62
N TYR B 231 -18.61 -5.42 22.08
CA TYR B 231 -17.48 -5.57 23.00
C TYR B 231 -18.02 -5.34 24.40
N GLY B 232 -17.84 -6.32 25.28
CA GLY B 232 -18.44 -6.22 26.58
C GLY B 232 -17.53 -6.67 27.70
N ASN B 233 -18.15 -7.30 28.69
CA ASN B 233 -17.48 -7.69 29.92
C ASN B 233 -18.21 -8.84 30.55
N ASP B 234 -17.84 -9.18 31.79
CA ASP B 234 -18.47 -10.31 32.45
C ASP B 234 -19.94 -10.07 32.75
N GLU B 235 -20.30 -8.86 33.18
CA GLU B 235 -21.71 -8.53 33.40
C GLU B 235 -22.55 -8.89 32.18
N LEU B 236 -22.11 -8.42 31.03
CA LEU B 236 -22.87 -8.60 29.80
C LEU B 236 -22.86 -10.06 29.35
N ARG B 237 -21.77 -10.77 29.59
CA ARG B 237 -21.76 -12.20 29.27
C ARG B 237 -22.79 -12.99 30.13
N SER B 238 -22.94 -12.58 31.38
CA SER B 238 -23.87 -13.28 32.28
C SER B 238 -25.33 -13.09 31.82
N LEU B 239 -25.58 -12.03 31.05
CA LEU B 239 -26.90 -11.83 30.47
C LEU B 239 -27.05 -12.58 29.16
N LYS B 240 -25.99 -13.27 28.76
CA LYS B 240 -25.95 -13.99 27.48
C LYS B 240 -26.17 -13.07 26.26
N LEU B 241 -25.74 -11.82 26.39
CA LEU B 241 -25.62 -10.92 25.26
C LEU B 241 -24.48 -11.48 24.39
N PRO B 242 -24.47 -11.14 23.08
CA PRO B 242 -23.47 -11.71 22.18
C PRO B 242 -22.12 -10.97 22.21
N VAL B 243 -21.46 -11.01 23.35
CA VAL B 243 -20.16 -10.37 23.54
C VAL B 243 -19.10 -11.11 22.74
N ILE B 244 -18.47 -10.44 21.78
CA ILE B 244 -17.46 -11.08 20.93
C ILE B 244 -16.06 -10.91 21.52
N TYR B 245 -15.84 -9.72 22.10
CA TYR B 245 -14.53 -9.32 22.61
C TYR B 245 -14.70 -8.51 23.90
N GLU B 246 -13.63 -8.41 24.67
CA GLU B 246 -13.59 -7.58 25.86
C GLU B 246 -13.51 -6.11 25.45
N TYR B 247 -14.25 -5.25 26.14
CA TYR B 247 -14.17 -3.81 25.90
C TYR B 247 -13.08 -3.19 26.78
N PRO B 248 -12.03 -2.59 26.17
CA PRO B 248 -11.67 -2.63 24.76
C PRO B 248 -10.68 -3.77 24.55
N LEU B 249 -10.33 -4.04 23.30
CA LEU B 249 -9.17 -4.87 22.97
C LEU B 249 -7.85 -4.06 23.09
N GLU B 250 -6.77 -4.72 23.45
CA GLU B 250 -5.47 -4.07 23.50
C GLU B 250 -4.45 -4.87 22.71
N PHE B 251 -3.71 -4.18 21.85
CA PHE B 251 -2.61 -4.79 21.10
C PHE B 251 -1.34 -3.96 21.26
N LYS B 252 -0.21 -4.48 20.76
CA LYS B 252 1.01 -3.69 20.63
C LYS B 252 1.28 -3.46 19.15
N ASN B 253 1.59 -2.23 18.77
CA ASN B 253 1.93 -1.97 17.37
C ASN B 253 3.38 -2.41 17.11
N PRO B 254 3.87 -2.27 15.86
CA PRO B 254 5.27 -2.71 15.64
C PRO B 254 6.30 -1.99 16.52
N ASN B 255 6.02 -0.78 16.96
CA ASN B 255 6.96 -0.06 17.83
C ASN B 255 6.85 -0.47 19.27
N GLY B 256 5.93 -1.39 19.56
CA GLY B 256 5.73 -1.89 20.90
C GLY B 256 4.74 -1.07 21.69
N GLU B 257 4.15 -0.05 21.07
CA GLU B 257 3.21 0.82 21.78
C GLU B 257 1.79 0.23 21.85
N PRO B 258 1.07 0.52 22.94
CA PRO B 258 -0.29 0.01 23.14
C PRO B 258 -1.26 0.62 22.12
N VAL B 259 -2.14 -0.21 21.58
CA VAL B 259 -3.25 0.26 20.76
C VAL B 259 -4.54 -0.34 21.32
N PHE B 260 -5.54 0.49 21.52
CA PHE B 260 -6.86 0.04 21.99
C PHE B 260 -7.89 0.11 20.88
N VAL B 261 -8.66 -0.96 20.76
CA VAL B 261 -9.64 -1.09 19.70
C VAL B 261 -10.96 -1.44 20.34
N MET B 262 -12.02 -0.74 19.98
CA MET B 262 -13.34 -1.09 20.46
C MET B 262 -14.47 -0.67 19.54
N GLU B 263 -15.53 -1.48 19.54
CA GLU B 263 -16.74 -1.20 18.81
C GLU B 263 -17.92 -1.06 19.81
N GLY B 264 -19.04 -0.51 19.35
CA GLY B 264 -20.20 -0.30 20.20
C GLY B 264 -21.44 -1.05 19.76
N TRP B 265 -21.29 -2.33 19.41
CA TRP B 265 -22.41 -3.14 18.92
C TRP B 265 -23.06 -2.49 17.68
N ALA B 266 -24.36 -2.16 17.75
CA ALA B 266 -25.07 -1.57 16.61
C ALA B 266 -26.50 -1.12 16.94
N TYR B 267 -27.14 -0.48 15.97
CA TYR B 267 -28.57 -0.18 16.03
C TYR B 267 -28.93 0.56 17.30
N SER B 268 -28.11 1.54 17.65
CA SER B 268 -28.28 2.46 18.80
C SER B 268 -28.42 1.79 20.16
N ALA B 269 -27.78 0.63 20.34
CA ALA B 269 -27.99 -0.19 21.53
C ALA B 269 -27.00 0.14 22.62
N VAL B 270 -25.90 0.79 22.26
CA VAL B 270 -24.79 0.96 23.19
C VAL B 270 -24.12 2.33 23.02
N VAL B 271 -23.71 2.89 24.16
CA VAL B 271 -22.80 4.01 24.19
C VAL B 271 -21.53 3.48 24.83
N GLY B 272 -20.45 3.42 24.04
CA GLY B 272 -19.16 3.01 24.55
C GLY B 272 -18.55 4.16 25.31
N ASP B 273 -17.75 3.86 26.33
CA ASP B 273 -17.31 4.88 27.28
C ASP B 273 -15.93 4.49 27.76
N LEU B 274 -14.91 5.10 27.15
CA LEU B 274 -13.53 4.76 27.43
C LEU B 274 -12.77 5.99 27.93
N GLY B 275 -12.27 5.93 29.15
CA GLY B 275 -11.38 6.96 29.67
C GLY B 275 -9.96 6.58 29.34
N VAL B 276 -9.24 7.49 28.69
CA VAL B 276 -7.89 7.21 28.23
C VAL B 276 -6.92 8.25 28.79
N LYS B 277 -5.81 7.82 29.38
CA LYS B 277 -4.76 8.76 29.77
C LYS B 277 -3.56 8.68 28.82
N PHE B 278 -3.08 9.83 28.36
CA PHE B 278 -1.93 9.88 27.47
C PHE B 278 -0.73 10.43 28.23
N SER B 279 0.38 9.69 28.23
CA SER B 279 1.61 10.20 28.79
C SER B 279 2.10 11.38 27.94
N PRO B 280 3.05 12.17 28.47
CA PRO B 280 3.62 13.24 27.63
C PRO B 280 4.12 12.69 26.29
N GLU B 281 4.72 11.51 26.32
CA GLU B 281 5.16 10.84 25.08
C GLU B 281 4.02 10.24 24.24
N GLY B 282 2.78 10.43 24.67
CA GLY B 282 1.62 10.01 23.88
C GLY B 282 1.32 8.52 23.93
N ILE B 283 1.68 7.88 25.04
CA ILE B 283 1.37 6.46 25.25
C ILE B 283 0.05 6.37 26.01
N ALA B 284 -0.90 5.62 25.44
CA ALA B 284 -2.24 5.53 26.01
C ALA B 284 -2.38 4.47 27.10
N SER B 285 -3.10 4.81 28.18
CA SER B 285 -3.49 3.86 29.21
C SER B 285 -4.98 4.02 29.52
N ILE B 286 -5.63 2.95 29.91
CA ILE B 286 -7.08 3.00 30.15
C ILE B 286 -7.39 3.25 31.63
N THR B 287 -8.18 4.29 31.91
CA THR B 287 -8.60 4.62 33.27
C THR B 287 -10.06 4.26 33.55
N ARG B 288 -10.85 4.07 32.49
CA ARG B 288 -12.28 3.74 32.62
C ARG B 288 -12.72 3.02 31.36
N LYS B 289 -13.49 1.94 31.53
CA LYS B 289 -13.95 1.15 30.40
C LYS B 289 -15.34 0.53 30.64
N ILE B 290 -16.36 1.15 30.05
CA ILE B 290 -17.73 0.75 30.29
C ILE B 290 -18.57 0.84 29.03
N PRO B 291 -19.01 -0.31 28.50
CA PRO B 291 -19.98 -0.30 27.42
C PRO B 291 -21.36 -0.23 28.03
N HIS B 292 -22.05 0.89 27.85
CA HIS B 292 -23.39 1.05 28.43
C HIS B 292 -24.43 0.52 27.48
N VAL B 293 -25.06 -0.58 27.87
CA VAL B 293 -26.21 -1.10 27.15
C VAL B 293 -27.47 -0.32 27.55
N LEU B 294 -28.08 0.34 26.56
CA LEU B 294 -29.25 1.18 26.78
C LEU B 294 -30.51 0.31 26.77
N MET B 295 -31.14 0.19 27.93
CA MET B 295 -32.26 -0.74 28.07
C MET B 295 -33.47 -0.07 28.72
N SER B 296 -34.66 -0.48 28.32
CA SER B 296 -35.88 -0.04 29.00
C SER B 296 -36.16 -0.91 30.23
N SER B 297 -36.75 -0.32 31.26
CA SER B 297 -37.21 -1.13 32.39
C SER B 297 -38.64 -1.61 32.20
N HIS B 298 -39.26 -1.27 31.07
CA HIS B 298 -40.71 -1.47 30.94
C HIS B 298 -41.12 -2.83 30.39
N LYS B 299 -40.23 -3.48 29.66
CA LYS B 299 -40.57 -4.78 29.06
C LYS B 299 -39.69 -5.87 29.62
N LEU B 300 -40.30 -6.80 30.35
CA LEU B 300 -39.60 -7.96 30.84
C LEU B 300 -40.52 -9.17 30.65
N GLN B 301 -40.46 -9.76 29.47
CA GLN B 301 -41.35 -10.86 29.16
C GLN B 301 -40.67 -12.23 29.18
N VAL B 302 -41.31 -13.18 29.85
CA VAL B 302 -40.82 -14.54 29.93
C VAL B 302 -41.98 -15.43 29.51
N LYS B 303 -41.69 -16.54 28.84
CA LYS B 303 -42.71 -17.49 28.45
C LYS B 303 -43.34 -18.13 29.66
N ASN B 304 -44.66 -18.12 29.74
CA ASN B 304 -45.32 -18.81 30.83
C ASN B 304 -45.41 -20.30 30.54
N SER B 305 -46.05 -21.04 31.43
CA SER B 305 -46.11 -22.48 31.29
C SER B 305 -46.98 -22.88 30.11
N GLU B 306 -47.91 -22.01 29.72
CA GLU B 306 -48.77 -22.27 28.59
C GLU B 306 -48.12 -21.82 27.28
N GLY B 307 -46.88 -21.34 27.36
CA GLY B 307 -46.08 -21.03 26.18
C GLY B 307 -46.19 -19.62 25.63
N LYS B 308 -46.79 -18.71 26.38
CA LYS B 308 -46.98 -17.35 25.90
C LYS B 308 -46.06 -16.38 26.62
N TRP B 309 -45.47 -15.47 25.85
CA TRP B 309 -44.64 -14.42 26.41
C TRP B 309 -45.51 -13.50 27.24
N ALA B 310 -45.19 -13.36 28.51
CA ALA B 310 -46.01 -12.57 29.42
C ALA B 310 -45.11 -11.74 30.30
N GLU B 311 -45.54 -10.52 30.62
CA GLU B 311 -44.77 -9.67 31.53
C GLU B 311 -44.56 -10.32 32.90
N LEU B 312 -43.36 -10.19 33.45
CA LEU B 312 -43.09 -10.64 34.81
C LEU B 312 -43.92 -9.81 35.79
N THR B 313 -44.30 -10.41 36.91
CA THR B 313 -45.06 -9.72 37.95
C THR B 313 -44.50 -10.03 39.34
N GLY B 314 -45.03 -9.36 40.37
CA GLY B 314 -44.70 -9.69 41.74
C GLY B 314 -43.21 -9.73 41.99
N ASP B 315 -42.79 -10.62 42.88
CA ASP B 315 -41.40 -10.67 43.28
C ASP B 315 -40.47 -11.08 42.15
N GLU B 316 -40.98 -11.82 41.16
CA GLU B 316 -40.17 -12.25 40.02
C GLU B 316 -39.73 -11.00 39.22
N ARG B 317 -40.64 -10.07 39.03
CA ARG B 317 -40.32 -8.85 38.32
C ARG B 317 -39.35 -8.01 39.14
N LYS B 318 -39.56 -7.97 40.45
CA LYS B 318 -38.75 -7.12 41.31
C LYS B 318 -37.29 -7.59 41.31
N LYS B 319 -37.11 -8.90 41.38
CA LYS B 319 -35.78 -9.48 41.31
C LYS B 319 -35.13 -9.32 39.93
N ALA B 320 -35.92 -9.36 38.87
CA ALA B 320 -35.37 -9.11 37.54
C ALA B 320 -34.83 -7.68 37.45
N LEU B 321 -35.63 -6.70 37.87
CA LEU B 321 -35.20 -5.29 37.90
C LEU B 321 -34.02 -5.07 38.84
N ASP B 322 -34.03 -5.72 40.00
CA ASP B 322 -32.90 -5.61 40.95
C ASP B 322 -31.58 -6.08 40.34
N THR B 323 -31.63 -7.19 39.60
CA THR B 323 -30.44 -7.64 38.88
C THR B 323 -29.99 -6.60 37.85
N LEU B 324 -30.90 -6.05 37.06
CA LEU B 324 -30.50 -5.05 36.08
C LEU B 324 -29.95 -3.77 36.74
N LYS B 325 -30.65 -3.27 37.73
CA LYS B 325 -30.20 -2.07 38.44
C LYS B 325 -28.83 -2.26 39.10
N SER B 326 -28.38 -3.51 39.25
CA SER B 326 -27.13 -3.77 39.94
C SER B 326 -25.93 -3.80 38.97
N MET B 327 -26.21 -3.64 37.68
CA MET B 327 -25.16 -3.78 36.68
C MET B 327 -24.66 -2.45 36.17
N LYS B 328 -23.35 -2.23 36.32
CA LYS B 328 -22.72 -0.99 35.90
C LYS B 328 -22.85 -0.77 34.39
N SER B 329 -22.91 -1.85 33.63
CA SER B 329 -22.96 -1.74 32.17
C SER B 329 -24.37 -1.71 31.59
N ILE B 330 -25.38 -1.67 32.46
CA ILE B 330 -26.77 -1.57 32.02
C ILE B 330 -27.29 -0.19 32.39
N SER B 331 -27.85 0.51 31.42
CA SER B 331 -28.39 1.85 31.67
C SER B 331 -29.90 1.88 31.39
N LEU B 332 -30.70 2.13 32.43
CA LEU B 332 -32.16 2.02 32.33
C LEU B 332 -32.91 3.33 32.12
N ASP B 333 -33.78 3.34 31.11
CA ASP B 333 -34.74 4.42 30.87
C ASP B 333 -34.13 5.81 30.63
N ASP B 334 -33.00 5.87 29.94
CA ASP B 334 -32.47 7.16 29.51
C ASP B 334 -33.39 7.74 28.44
N HIS B 335 -33.69 9.03 28.54
CA HIS B 335 -34.45 9.68 27.49
C HIS B 335 -34.18 11.18 27.49
N ASP B 336 -34.08 11.74 26.29
CA ASP B 336 -33.68 13.14 26.12
C ASP B 336 -34.84 13.92 25.51
N ALA B 337 -35.25 14.98 26.18
CA ALA B 337 -36.45 15.71 25.79
C ALA B 337 -36.41 16.23 24.36
N LYS B 338 -35.34 16.91 24.00
CA LYS B 338 -35.16 17.42 22.65
C LYS B 338 -35.32 16.29 21.64
N THR B 339 -34.60 15.19 21.88
CA THR B 339 -34.67 14.08 20.94
C THR B 339 -36.05 13.40 20.93
N ASP B 340 -36.67 13.23 22.09
CA ASP B 340 -38.05 12.71 22.15
C ASP B 340 -38.99 13.50 21.23
N LYS B 341 -38.94 14.82 21.35
CA LYS B 341 -39.78 15.71 20.55
C LYS B 341 -39.56 15.46 19.07
N LEU B 342 -38.29 15.34 18.67
CA LEU B 342 -37.96 15.08 17.26
C LEU B 342 -38.47 13.72 16.83
N ILE B 343 -38.23 12.70 17.64
CA ILE B 343 -38.64 11.36 17.24
C ILE B 343 -40.16 11.28 17.16
N ALA B 344 -40.85 11.97 18.07
CA ALA B 344 -42.31 12.04 18.02
C ALA B 344 -42.78 12.61 16.68
N LYS B 345 -42.18 13.72 16.27
CA LYS B 345 -42.51 14.31 14.97
C LYS B 345 -42.32 13.31 13.81
N TYR B 346 -41.15 12.70 13.73
CA TYR B 346 -40.86 11.80 12.62
C TYR B 346 -41.69 10.52 12.65
N LYS B 347 -41.94 10.00 13.84
CA LYS B 347 -42.75 8.78 14.00
C LYS B 347 -44.20 8.92 13.51
N SER B 348 -44.86 10.03 13.81
CA SER B 348 -46.24 10.19 13.33
C SER B 348 -46.24 10.44 11.83
N GLU B 349 -45.26 11.21 11.37
CA GLU B 349 -45.06 11.35 9.94
C GLU B 349 -44.83 9.95 9.32
N LYS B 350 -44.01 9.13 9.97
CA LYS B 350 -43.72 7.78 9.47
C LYS B 350 -44.96 6.89 9.41
N ASP B 351 -45.80 6.94 10.43
CA ASP B 351 -47.00 6.08 10.48
C ASP B 351 -47.98 6.45 9.39
N ARG B 352 -48.11 7.75 9.15
CA ARG B 352 -48.99 8.26 8.12
C ARG B 352 -48.58 7.73 6.74
N LEU B 353 -47.35 8.00 6.33
CA LEU B 353 -46.99 7.73 4.95
C LEU B 353 -46.41 6.34 4.70
N ALA B 354 -46.29 5.52 5.75
CA ALA B 354 -45.99 4.10 5.58
C ALA B 354 -47.21 3.37 5.02
N GLN B 355 -48.32 4.10 4.87
CA GLN B 355 -49.53 3.55 4.25
C GLN B 355 -49.64 3.94 2.77
N GLU B 356 -48.81 4.89 2.34
CA GLU B 356 -48.84 5.33 0.94
C GLU B 356 -48.40 4.22 -0.02
N ILE B 357 -48.47 4.51 -1.32
CA ILE B 357 -48.16 3.51 -2.36
C ILE B 357 -46.72 3.60 -2.85
N VAL B 358 -46.05 2.46 -2.95
CA VAL B 358 -44.67 2.42 -3.44
C VAL B 358 -44.61 2.08 -4.93
N GLY B 359 -45.38 1.07 -5.32
CA GLY B 359 -45.46 0.66 -6.72
C GLY B 359 -46.79 0.04 -7.08
N THR B 388 -42.24 -17.42 -2.83
CA THR B 388 -40.84 -17.69 -2.49
C THR B 388 -39.86 -17.38 -3.62
N ARG B 389 -40.21 -17.78 -4.85
CA ARG B 389 -39.42 -17.37 -6.01
C ARG B 389 -39.45 -15.85 -6.11
N PHE B 390 -40.57 -15.27 -5.67
CA PHE B 390 -40.73 -13.83 -5.74
C PHE B 390 -39.81 -13.09 -4.78
N ILE B 391 -39.78 -13.54 -3.53
CA ILE B 391 -38.88 -12.92 -2.56
C ILE B 391 -37.43 -13.07 -3.04
N ALA B 392 -37.10 -14.23 -3.60
CA ALA B 392 -35.79 -14.48 -4.16
C ALA B 392 -35.43 -13.44 -5.21
N GLU B 393 -36.44 -12.98 -5.96
CA GLU B 393 -36.24 -11.96 -6.99
C GLU B 393 -35.97 -10.56 -6.40
N THR B 394 -36.52 -10.30 -5.22
CA THR B 394 -36.27 -9.01 -4.57
C THR B 394 -34.80 -8.96 -4.12
N MET B 395 -34.30 -10.09 -3.64
CA MET B 395 -32.93 -10.17 -3.15
C MET B 395 -31.92 -10.03 -4.29
N TYR B 396 -32.24 -10.68 -5.41
CA TYR B 396 -31.44 -10.63 -6.62
C TYR B 396 -31.43 -9.19 -7.12
N ASN B 397 -32.54 -8.51 -6.92
CA ASN B 397 -32.74 -7.12 -7.33
C ASN B 397 -31.91 -6.17 -6.47
N GLU B 398 -31.71 -6.52 -5.20
CA GLU B 398 -30.94 -5.71 -4.26
C GLU B 398 -29.53 -5.50 -4.75
N LEU B 399 -28.77 -6.58 -4.85
CA LEU B 399 -27.37 -6.48 -5.21
C LEU B 399 -27.14 -6.84 -6.67
N LYS B 400 -26.62 -5.88 -7.42
CA LYS B 400 -26.39 -6.05 -8.85
C LYS B 400 -25.35 -7.14 -9.14
N THR B 401 -24.52 -7.42 -8.13
CA THR B 401 -23.38 -8.31 -8.28
C THR B 401 -23.70 -9.81 -8.12
N VAL B 402 -24.80 -10.14 -7.46
CA VAL B 402 -25.09 -11.55 -7.19
C VAL B 402 -25.45 -12.25 -8.48
N ASP B 403 -24.97 -13.49 -8.64
CA ASP B 403 -25.31 -14.32 -9.79
C ASP B 403 -26.65 -15.02 -9.61
N LEU B 404 -26.98 -15.32 -8.36
CA LEU B 404 -28.23 -16.00 -8.07
C LEU B 404 -28.55 -15.89 -6.58
N THR B 405 -29.83 -16.03 -6.25
CA THR B 405 -30.27 -16.04 -4.86
C THR B 405 -31.12 -17.27 -4.60
N ILE B 406 -31.08 -17.75 -3.36
CA ILE B 406 -31.87 -18.89 -2.93
C ILE B 406 -32.63 -18.49 -1.67
N GLN B 407 -33.86 -18.95 -1.56
CA GLN B 407 -34.72 -18.63 -0.43
C GLN B 407 -35.55 -19.87 -0.04
N ASN B 408 -35.57 -20.19 1.24
CA ASN B 408 -36.29 -21.34 1.75
C ASN B 408 -37.79 -21.10 1.83
N ALA B 409 -38.57 -22.17 1.67
CA ALA B 409 -40.03 -22.07 1.66
C ALA B 409 -40.60 -21.38 2.91
N GLY B 410 -40.09 -21.75 4.07
CA GLY B 410 -40.50 -21.12 5.32
C GLY B 410 -40.23 -19.63 5.39
N VAL B 421 -49.14 -1.51 -3.87
CA VAL B 421 -48.57 -2.12 -2.67
C VAL B 421 -48.01 -1.04 -1.74
N THR B 422 -48.03 -1.28 -0.43
CA THR B 422 -47.60 -0.25 0.53
C THR B 422 -46.41 -0.66 1.41
N PHE B 423 -45.85 0.31 2.12
CA PHE B 423 -44.65 0.08 2.93
C PHE B 423 -44.89 -0.94 4.02
N ASN B 424 -46.01 -0.82 4.72
CA ASN B 424 -46.40 -1.82 5.71
C ASN B 424 -46.65 -3.18 5.05
N ASP B 425 -47.14 -3.15 3.81
CA ASP B 425 -47.34 -4.37 3.03
C ASP B 425 -46.07 -5.18 2.83
N ALA B 426 -44.91 -4.61 3.20
CA ALA B 426 -43.65 -5.32 3.04
C ALA B 426 -43.21 -5.95 4.36
N TYR B 427 -43.39 -5.21 5.45
CA TYR B 427 -43.01 -5.67 6.78
C TYR B 427 -43.95 -6.76 7.28
N THR B 428 -45.21 -6.65 6.92
CA THR B 428 -46.19 -7.65 7.27
C THR B 428 -45.73 -8.99 6.69
N PHE B 429 -45.38 -8.97 5.40
CA PHE B 429 -45.03 -10.19 4.69
C PHE B 429 -43.80 -10.87 5.27
N LEU B 430 -42.82 -10.08 5.69
CA LEU B 430 -41.50 -10.58 6.10
C LEU B 430 -41.17 -10.32 7.58
N PRO B 431 -41.61 -11.23 8.47
CA PRO B 431 -41.60 -11.00 9.91
C PRO B 431 -40.33 -11.47 10.62
N PHE B 432 -39.50 -12.25 9.95
CA PHE B 432 -38.29 -12.78 10.59
C PHE B 432 -37.19 -11.74 10.69
N GLY B 433 -37.26 -10.71 9.86
CA GLY B 433 -36.23 -9.67 9.88
C GLY B 433 -34.87 -10.17 9.43
N ASN B 434 -34.86 -10.98 8.37
CA ASN B 434 -33.61 -11.43 7.78
C ASN B 434 -32.93 -10.27 7.07
N THR B 435 -31.61 -10.40 6.90
CA THR B 435 -30.86 -9.50 6.04
C THR B 435 -30.24 -10.36 4.96
N LEU B 436 -29.82 -9.74 3.87
CA LEU B 436 -29.23 -10.46 2.75
C LEU B 436 -27.80 -10.92 3.09
N TYR B 437 -27.49 -12.17 2.82
CA TYR B 437 -26.17 -12.75 3.09
C TYR B 437 -25.63 -13.30 1.80
N THR B 438 -24.34 -13.13 1.54
CA THR B 438 -23.74 -13.63 0.30
C THR B 438 -22.49 -14.49 0.55
N TYR B 439 -22.30 -15.50 -0.30
CA TYR B 439 -21.11 -16.33 -0.30
C TYR B 439 -20.57 -16.38 -1.73
N LYS B 440 -19.26 -16.55 -1.85
CA LYS B 440 -18.63 -16.78 -3.15
C LYS B 440 -18.27 -18.27 -3.25
N MET B 441 -19.01 -19.02 -4.05
CA MET B 441 -18.95 -20.49 -3.99
C MET B 441 -19.08 -21.24 -5.33
N GLU B 442 -18.44 -22.41 -5.39
CA GLU B 442 -18.45 -23.26 -6.57
C GLU B 442 -19.86 -23.76 -6.93
N GLY B 443 -20.15 -23.82 -8.21
CA GLY B 443 -21.41 -24.37 -8.68
C GLY B 443 -21.74 -25.73 -8.07
N SER B 444 -20.71 -26.54 -7.83
CA SER B 444 -20.91 -27.86 -7.24
C SER B 444 -21.41 -27.76 -5.80
N LEU B 445 -20.99 -26.71 -5.12
CA LEU B 445 -21.45 -26.46 -3.76
C LEU B 445 -22.87 -25.89 -3.77
N VAL B 446 -23.19 -25.16 -4.84
CA VAL B 446 -24.55 -24.65 -5.02
C VAL B 446 -25.53 -25.82 -5.20
N LYS B 447 -25.17 -26.78 -6.05
CA LYS B 447 -26.02 -27.95 -6.21
C LYS B 447 -26.15 -28.67 -4.87
N GLN B 448 -25.06 -28.74 -4.12
CA GLN B 448 -25.10 -29.47 -2.85
C GLN B 448 -26.00 -28.83 -1.80
N VAL B 449 -26.02 -27.50 -1.74
CA VAL B 449 -26.93 -26.83 -0.81
C VAL B 449 -28.37 -27.11 -1.21
N LEU B 450 -28.62 -27.14 -2.52
CA LEU B 450 -29.94 -27.51 -3.04
C LEU B 450 -30.28 -28.93 -2.60
N GLU B 451 -29.35 -29.86 -2.81
CA GLU B 451 -29.53 -31.24 -2.35
C GLU B 451 -29.79 -31.27 -0.85
N ASP B 452 -28.94 -30.57 -0.09
CA ASP B 452 -29.09 -30.48 1.36
C ASP B 452 -30.47 -29.98 1.76
N ALA B 453 -30.93 -28.92 1.10
CA ALA B 453 -32.17 -28.27 1.45
C ALA B 453 -33.34 -29.23 1.26
N MET B 454 -33.38 -29.88 0.10
CA MET B 454 -34.46 -30.80 -0.21
C MET B 454 -34.45 -32.01 0.72
N GLN B 455 -33.29 -32.64 0.87
CA GLN B 455 -33.14 -33.75 1.81
C GLN B 455 -33.86 -33.42 3.10
N PHE B 456 -33.51 -32.27 3.68
CA PHE B 456 -34.04 -31.86 4.97
C PHE B 456 -35.54 -31.62 4.95
N ALA B 457 -36.07 -31.20 3.81
CA ALA B 457 -37.49 -30.94 3.68
C ALA B 457 -38.24 -32.25 3.49
N LEU B 458 -37.60 -33.18 2.78
CA LEU B 458 -38.26 -34.42 2.37
C LEU B 458 -38.11 -35.57 3.35
N VAL B 459 -37.01 -35.59 4.10
CA VAL B 459 -36.70 -36.72 4.97
C VAL B 459 -36.65 -36.33 6.45
N ASP B 460 -35.91 -35.27 6.76
CA ASP B 460 -35.78 -34.82 8.14
C ASP B 460 -37.00 -33.99 8.58
N GLY B 461 -38.05 -34.01 7.78
CA GLY B 461 -39.34 -33.49 8.19
C GLY B 461 -39.64 -32.04 7.85
N SER B 462 -38.83 -31.12 8.38
CA SER B 462 -39.05 -29.68 8.24
C SER B 462 -39.14 -29.25 6.77
N THR B 463 -40.36 -29.01 6.29
CA THR B 463 -40.57 -28.70 4.88
C THR B 463 -40.36 -27.22 4.58
N GLY B 464 -40.12 -26.42 5.61
CA GLY B 464 -39.81 -25.02 5.40
C GLY B 464 -38.48 -24.84 4.67
N ALA B 465 -37.75 -25.93 4.52
CA ALA B 465 -36.40 -25.90 3.97
C ALA B 465 -36.36 -25.88 2.45
N PHE B 466 -37.51 -26.11 1.81
CA PHE B 466 -37.54 -26.29 0.36
C PHE B 466 -37.21 -25.01 -0.41
N PRO B 467 -36.09 -25.03 -1.16
CA PRO B 467 -35.49 -23.85 -1.77
C PRO B 467 -36.08 -23.44 -3.13
N TYR B 468 -36.28 -22.13 -3.31
CA TYR B 468 -36.59 -21.53 -4.61
C TYR B 468 -35.62 -20.38 -4.84
N GLY B 469 -35.45 -19.97 -6.10
CA GLY B 469 -34.42 -18.97 -6.39
C GLY B 469 -34.59 -18.09 -7.63
N ALA B 470 -33.81 -17.02 -7.67
CA ALA B 470 -33.77 -16.09 -8.79
C ALA B 470 -32.41 -16.15 -9.46
N GLY B 471 -32.37 -16.03 -10.78
CA GLY B 471 -31.13 -16.20 -11.51
C GLY B 471 -30.67 -17.66 -11.54
N ILE B 472 -31.45 -18.54 -10.92
CA ILE B 472 -31.19 -19.98 -10.98
C ILE B 472 -32.51 -20.73 -11.03
N ARG B 473 -32.51 -21.83 -11.80
CA ARG B 473 -33.69 -22.67 -11.85
C ARG B 473 -33.24 -24.11 -12.00
N TYR B 474 -34.07 -25.04 -11.54
CA TYR B 474 -33.72 -26.44 -11.54
C TYR B 474 -34.96 -27.31 -11.62
N GLU B 475 -34.75 -28.56 -11.99
CA GLU B 475 -35.78 -29.58 -11.89
C GLU B 475 -35.21 -30.69 -11.03
N ALA B 476 -36.05 -31.29 -10.20
CA ALA B 476 -35.65 -32.43 -9.38
C ALA B 476 -36.77 -33.46 -9.32
N ASN B 477 -36.48 -34.67 -9.80
CA ASN B 477 -37.48 -35.74 -9.87
C ASN B 477 -37.77 -36.37 -8.52
N LYS B 485 -29.18 -38.37 -6.08
CA LYS B 485 -29.40 -36.97 -6.44
C LYS B 485 -30.82 -36.75 -6.92
N ARG B 486 -31.51 -35.79 -6.32
CA ARG B 486 -32.84 -35.45 -6.79
C ARG B 486 -32.74 -34.47 -7.95
N LEU B 487 -31.63 -33.73 -8.01
CA LEU B 487 -31.41 -32.73 -9.06
C LEU B 487 -31.22 -33.39 -10.42
N VAL B 488 -32.02 -32.97 -11.40
CA VAL B 488 -31.90 -33.48 -12.76
C VAL B 488 -31.12 -32.49 -13.62
N SER B 489 -31.49 -31.21 -13.51
CA SER B 489 -30.77 -30.13 -14.17
C SER B 489 -30.78 -28.89 -13.31
N VAL B 490 -29.75 -28.06 -13.44
CA VAL B 490 -29.72 -26.75 -12.79
C VAL B 490 -29.13 -25.75 -13.77
N GLU B 491 -29.78 -24.60 -13.87
CA GLU B 491 -29.32 -23.56 -14.78
C GLU B 491 -29.23 -22.20 -14.09
N VAL B 492 -28.36 -21.36 -14.63
CA VAL B 492 -28.10 -20.02 -14.14
C VAL B 492 -28.06 -19.07 -15.34
N LEU B 493 -28.44 -17.82 -15.13
CA LEU B 493 -28.43 -16.81 -16.19
C LEU B 493 -27.09 -16.09 -16.26
N ASN B 494 -26.73 -15.61 -17.45
CA ASN B 494 -25.52 -14.80 -17.59
C ASN B 494 -25.81 -13.31 -17.39
N TRP B 500 -29.90 -18.44 -19.82
CA TRP B 500 -29.95 -19.60 -18.92
C TRP B 500 -29.02 -20.72 -19.39
N GLU B 501 -27.93 -20.94 -18.65
CA GLU B 501 -26.96 -21.94 -19.03
C GLU B 501 -26.87 -23.02 -17.98
N PRO B 502 -26.63 -24.27 -18.41
CA PRO B 502 -26.38 -25.32 -17.42
C PRO B 502 -25.37 -24.76 -16.42
N ILE B 503 -25.52 -25.12 -15.15
CA ILE B 503 -24.58 -24.64 -14.15
C ILE B 503 -23.22 -25.30 -14.35
N ASP B 504 -22.17 -24.62 -13.93
CA ASP B 504 -20.79 -25.09 -14.05
C ASP B 504 -20.22 -25.34 -12.65
N ASP B 505 -19.94 -26.60 -12.33
CA ASP B 505 -19.45 -26.97 -11.00
C ASP B 505 -18.14 -26.30 -10.63
N ASN B 506 -17.42 -25.82 -11.65
CA ASN B 506 -16.10 -25.24 -11.44
C ASN B 506 -16.16 -23.74 -11.28
N LYS B 507 -17.20 -23.13 -11.86
CA LYS B 507 -17.37 -21.68 -11.80
C LYS B 507 -17.78 -21.24 -10.40
N ARG B 508 -17.17 -20.14 -9.95
CA ARG B 508 -17.53 -19.53 -8.68
C ARG B 508 -18.63 -18.49 -8.87
N TYR B 509 -19.72 -18.66 -8.12
CA TYR B 509 -20.88 -17.80 -8.22
C TYR B 509 -20.98 -16.95 -6.96
N LEU B 510 -21.39 -15.69 -7.10
CA LEU B 510 -21.74 -14.93 -5.91
C LEU B 510 -23.18 -15.26 -5.59
N VAL B 511 -23.38 -15.94 -4.47
CA VAL B 511 -24.70 -16.40 -4.10
C VAL B 511 -25.24 -15.61 -2.92
N GLY B 512 -26.46 -15.11 -3.05
CA GLY B 512 -27.15 -14.44 -1.96
C GLY B 512 -28.33 -15.24 -1.41
N THR B 513 -28.53 -15.15 -0.10
CA THR B 513 -29.63 -15.82 0.60
C THR B 513 -29.98 -14.99 1.82
N ASN B 514 -30.87 -15.49 2.67
CA ASN B 514 -31.19 -14.80 3.92
C ASN B 514 -30.19 -15.22 5.00
N ALA B 515 -30.04 -14.39 6.04
CA ALA B 515 -29.02 -14.62 7.06
C ALA B 515 -29.24 -15.93 7.81
N TYR B 516 -30.50 -16.27 8.01
CA TYR B 516 -30.89 -17.48 8.73
C TYR B 516 -30.33 -18.73 8.06
N VAL B 517 -30.60 -18.85 6.77
CA VAL B 517 -30.22 -20.03 6.02
C VAL B 517 -28.71 -20.07 5.80
N ALA B 518 -28.10 -18.89 5.68
CA ALA B 518 -26.66 -18.78 5.53
C ALA B 518 -25.92 -19.41 6.71
N GLY B 519 -26.62 -19.55 7.83
CA GLY B 519 -26.01 -20.08 9.04
C GLY B 519 -25.87 -21.59 9.01
N GLY B 520 -26.72 -22.25 8.24
CA GLY B 520 -26.72 -23.69 8.16
C GLY B 520 -28.05 -24.28 8.62
N LYS B 521 -29.07 -23.44 8.71
CA LYS B 521 -30.36 -23.86 9.27
C LYS B 521 -31.37 -24.21 8.20
N ASP B 522 -32.41 -24.95 8.62
CA ASP B 522 -33.35 -25.57 7.68
C ASP B 522 -32.62 -26.64 6.88
N GLY B 523 -31.54 -27.16 7.46
CA GLY B 523 -30.81 -28.25 6.85
C GLY B 523 -29.87 -27.79 5.74
N TYR B 524 -29.61 -26.48 5.67
CA TYR B 524 -28.68 -25.96 4.68
C TYR B 524 -27.25 -26.19 5.13
N LYS B 525 -26.88 -27.47 5.19
CA LYS B 525 -25.59 -27.91 5.71
C LYS B 525 -24.43 -27.20 5.01
N THR B 526 -24.41 -27.22 3.68
CA THR B 526 -23.34 -26.58 2.93
C THR B 526 -23.08 -25.14 3.38
N PHE B 527 -24.14 -24.37 3.60
CA PHE B 527 -23.97 -22.99 4.06
C PHE B 527 -23.22 -23.01 5.37
N GLY B 528 -23.72 -23.82 6.30
CA GLY B 528 -23.11 -23.98 7.61
C GLY B 528 -21.60 -24.17 7.56
N LYS B 529 -21.12 -24.93 6.58
CA LYS B 529 -19.70 -25.22 6.45
C LYS B 529 -18.93 -24.06 5.82
N LEU B 530 -19.61 -23.28 4.98
CA LEU B 530 -18.99 -22.11 4.38
C LEU B 530 -18.95 -20.99 5.41
N PHE B 531 -19.94 -20.97 6.27
CA PHE B 531 -20.11 -19.92 7.28
C PHE B 531 -18.85 -19.71 8.09
N ASN B 532 -18.43 -18.45 8.19
CA ASN B 532 -17.23 -18.11 8.95
C ASN B 532 -16.04 -18.98 8.56
N ASP B 533 -16.12 -19.57 7.38
CA ASP B 533 -14.99 -20.27 6.77
C ASP B 533 -14.46 -19.38 5.64
N PRO B 534 -13.40 -18.60 5.95
CA PRO B 534 -12.86 -17.45 5.21
C PRO B 534 -12.71 -17.59 3.69
N LYS B 535 -12.66 -18.81 3.16
CA LYS B 535 -12.44 -19.00 1.73
C LYS B 535 -13.65 -18.58 0.90
N TYR B 536 -14.84 -18.66 1.48
CA TYR B 536 -16.07 -18.41 0.74
C TYR B 536 -16.61 -16.98 0.86
N GLU B 537 -15.81 -16.10 1.49
CA GLU B 537 -16.09 -14.67 1.49
C GLU B 537 -17.50 -14.33 1.98
N GLY B 538 -17.96 -15.07 2.98
CA GLY B 538 -19.26 -14.85 3.58
C GLY B 538 -19.37 -13.50 4.26
N VAL B 539 -20.45 -12.76 3.93
CA VAL B 539 -20.70 -11.45 4.51
C VAL B 539 -22.20 -11.21 4.70
N ASP B 540 -22.57 -10.79 5.89
CA ASP B 540 -23.91 -10.28 6.15
C ASP B 540 -23.90 -8.83 5.68
N THR B 541 -24.67 -8.53 4.64
CA THR B 541 -24.71 -7.21 4.04
C THR B 541 -25.46 -6.20 4.90
N TYR B 542 -26.26 -6.71 5.82
CA TYR B 542 -27.10 -5.86 6.67
C TYR B 542 -28.13 -5.06 5.88
N LEU B 543 -28.50 -5.56 4.71
CA LEU B 543 -29.63 -5.04 3.93
C LEU B 543 -30.90 -5.83 4.28
N PRO B 544 -31.89 -5.18 4.91
CA PRO B 544 -33.12 -5.84 5.42
C PRO B 544 -34.00 -6.43 4.33
N ASP B 545 -34.56 -7.61 4.57
CA ASP B 545 -35.47 -8.24 3.61
C ASP B 545 -36.69 -7.37 3.28
N ALA B 546 -37.23 -6.67 4.26
CA ALA B 546 -38.40 -5.83 4.04
C ALA B 546 -38.08 -4.69 3.07
N GLU B 547 -36.93 -4.04 3.25
CA GLU B 547 -36.48 -2.98 2.34
C GLU B 547 -36.24 -3.49 0.93
N SER B 548 -35.68 -4.68 0.81
CA SER B 548 -35.49 -5.31 -0.50
C SER B 548 -36.79 -5.39 -1.30
N PHE B 549 -37.86 -5.82 -0.63
CA PHE B 549 -39.19 -5.88 -1.22
C PHE B 549 -39.59 -4.47 -1.69
N ILE B 550 -39.54 -3.51 -0.79
CA ILE B 550 -39.87 -2.12 -1.10
C ILE B 550 -39.08 -1.54 -2.28
N LYS B 551 -37.78 -1.81 -2.35
CA LYS B 551 -36.98 -1.37 -3.51
C LYS B 551 -37.51 -2.05 -4.77
N PHE B 552 -37.78 -3.35 -4.67
CA PHE B 552 -38.30 -4.10 -5.81
C PHE B 552 -39.52 -3.44 -6.44
N MET B 553 -40.36 -2.83 -5.60
CA MET B 553 -41.57 -2.19 -6.08
C MET B 553 -41.29 -0.78 -6.59
N LYS B 554 -40.30 -0.12 -6.00
CA LYS B 554 -39.91 1.20 -6.45
C LYS B 554 -39.31 1.18 -7.86
N LYS B 555 -38.25 0.39 -8.06
CA LYS B 555 -37.56 0.35 -9.35
C LYS B 555 -38.50 -0.17 -10.44
N HIS B 556 -39.44 -1.03 -10.05
CA HIS B 556 -40.49 -1.47 -10.95
C HIS B 556 -41.80 -0.82 -10.54
N PRO B 557 -41.85 0.53 -10.58
CA PRO B 557 -43.06 1.20 -10.08
C PRO B 557 -44.27 0.54 -10.68
N HIS B 558 -44.36 0.64 -12.00
CA HIS B 558 -45.32 -0.14 -12.75
C HIS B 558 -44.60 -1.40 -13.14
N PHE B 559 -45.04 -2.48 -12.51
CA PHE B 559 -44.43 -3.76 -12.71
C PHE B 559 -45.52 -4.75 -13.05
N GLU B 560 -45.35 -5.37 -14.22
CA GLU B 560 -46.20 -6.45 -14.70
C GLU B 560 -45.78 -7.72 -13.97
N ALA B 561 -46.74 -8.56 -13.58
CA ALA B 561 -46.40 -9.74 -12.78
C ALA B 561 -45.92 -10.97 -13.55
N TYR B 562 -44.92 -11.64 -12.98
CA TYR B 562 -44.38 -12.87 -13.53
C TYR B 562 -45.50 -13.86 -13.84
N THR B 563 -45.31 -14.64 -14.91
CA THR B 563 -46.18 -15.78 -15.21
C THR B 563 -45.33 -17.05 -15.27
#